data_4YKD
# 
_entry.id   4YKD 
# 
_audit_conform.dict_name       mmcif_pdbx.dic 
_audit_conform.dict_version    5.380 
_audit_conform.dict_location   http://mmcif.pdb.org/dictionaries/ascii/mmcif_pdbx.dic 
# 
loop_
_database_2.database_id 
_database_2.database_code 
_database_2.pdbx_database_accession 
_database_2.pdbx_DOI 
PDB   4YKD         pdb_00004ykd 10.2210/pdb4ykd/pdb 
WWPDB D_1000207602 ?            ?                   
# 
loop_
_pdbx_database_related.db_name 
_pdbx_database_related.details 
_pdbx_database_related.db_id 
_pdbx_database_related.content_type 
PDB . 4YKC unspecified 
PDB . 4YL6 unspecified 
# 
_pdbx_database_status.status_code                     REL 
_pdbx_database_status.status_code_sf                  REL 
_pdbx_database_status.status_code_mr                  ? 
_pdbx_database_status.entry_id                        4YKD 
_pdbx_database_status.recvd_initial_deposition_date   2015-03-04 
_pdbx_database_status.SG_entry                        N 
_pdbx_database_status.deposit_site                    RCSB 
_pdbx_database_status.process_site                    PDBJ 
_pdbx_database_status.status_code_cs                  ? 
_pdbx_database_status.methods_development_category    ? 
_pdbx_database_status.pdb_format_compatible           Y 
_pdbx_database_status.status_code_nmr_data            ? 
# 
loop_
_audit_author.name 
_audit_author.pdbx_ordinal 
'Ding, J.'   1 
'Wang, X.'   2 
'Wang, D.C.' 3 
# 
_citation.abstract                  ? 
_citation.abstract_id_CAS           ? 
_citation.book_id_ISBN              ? 
_citation.book_publisher            ? 
_citation.book_publisher_city       ? 
_citation.book_title                ? 
_citation.coordinate_linkage        ? 
_citation.country                   UK 
_citation.database_id_Medline       ? 
_citation.details                   ? 
_citation.id                        primary 
_citation.journal_abbrev            Structure 
_citation.journal_id_ASTM           STRUE6 
_citation.journal_id_CSD            2005 
_citation.journal_id_ISSN           0969-2126 
_citation.journal_full              ? 
_citation.journal_issue             ? 
_citation.journal_volume            23 
_citation.language                  ? 
_citation.page_first                1087 
_citation.page_last                 1096 
_citation.title                     
;Structural Insights into the Molecular Recognition between Cerebral Cavernous Malformation 2 and Mitogen-Activated Protein Kinase Kinase Kinase 3
;
_citation.year                      2015 
_citation.database_id_CSD           ? 
_citation.pdbx_database_id_DOI      10.1016/j.str.2015.04.003 
_citation.pdbx_database_id_PubMed   25982527 
_citation.unpublished_flag          ? 
# 
loop_
_citation_author.citation_id 
_citation_author.name 
_citation_author.ordinal 
_citation_author.identifier_ORCID 
primary 'Wang, X.'   1 ? 
primary 'Hou, Y.'    2 ? 
primary 'Deng, K.'   3 ? 
primary 'Zhang, Y.'  4 ? 
primary 'Wang, D.C.' 5 ? 
primary 'Ding, J.'   6 ? 
# 
_cell.angle_alpha                  90.00 
_cell.angle_alpha_esd              ? 
_cell.angle_beta                   90.00 
_cell.angle_beta_esd               ? 
_cell.angle_gamma                  120.00 
_cell.angle_gamma_esd              ? 
_cell.entry_id                     4YKD 
_cell.details                      ? 
_cell.formula_units_Z              ? 
_cell.length_a                     51.360 
_cell.length_a_esd                 ? 
_cell.length_b                     51.360 
_cell.length_b_esd                 ? 
_cell.length_c                     137.010 
_cell.length_c_esd                 ? 
_cell.volume                       ? 
_cell.volume_esd                   ? 
_cell.Z_PDB                        12 
_cell.reciprocal_angle_alpha       ? 
_cell.reciprocal_angle_beta        ? 
_cell.reciprocal_angle_gamma       ? 
_cell.reciprocal_angle_alpha_esd   ? 
_cell.reciprocal_angle_beta_esd    ? 
_cell.reciprocal_angle_gamma_esd   ? 
_cell.reciprocal_length_a          ? 
_cell.reciprocal_length_b          ? 
_cell.reciprocal_length_c          ? 
_cell.reciprocal_length_a_esd      ? 
_cell.reciprocal_length_b_esd      ? 
_cell.reciprocal_length_c_esd      ? 
_cell.pdbx_unique_axis             ? 
# 
_symmetry.entry_id                         4YKD 
_symmetry.cell_setting                     ? 
_symmetry.Int_Tables_number                178 
_symmetry.space_group_name_Hall            ? 
_symmetry.space_group_name_H-M             'P 61 2 2' 
_symmetry.pdbx_full_space_group_name_H-M   ? 
# 
loop_
_entity.id 
_entity.type 
_entity.src_method 
_entity.pdbx_description 
_entity.formula_weight 
_entity.pdbx_number_of_molecules 
_entity.pdbx_ec 
_entity.pdbx_mutation 
_entity.pdbx_fragment 
_entity.details 
1 polymer man Malcavernin 11302.810 1  ? ? 'truncated fragment of C-terminal adaptor domain, UNP residues 290-376' ? 
2 water   nat water       18.015    74 ? ? ?                                                                       ? 
# 
_entity_name_com.entity_id   1 
_entity_name_com.name        'Cerebral cavernous malformations 2 protein' 
# 
_entity_poly.entity_id                      1 
_entity_poly.type                           'polypeptide(L)' 
_entity_poly.nstd_linkage                   no 
_entity_poly.nstd_monomer                   no 
_entity_poly.pdbx_seq_one_letter_code       
;MELSASATELLQDYMLTLRTKLSSQEIQQFAALLHEYRNGASIHEFCINLRQLYGDSRKFLLLGLRPFIPEKDSQHFENF
LETIGVKDLEHHHHHH
;
_entity_poly.pdbx_seq_one_letter_code_can   
;MELSASATELLQDYMLTLRTKLSSQEIQQFAALLHEYRNGASIHEFCINLRQLYGDSRKFLLLGLRPFIPEKDSQHFENF
LETIGVKDLEHHHHHH
;
_entity_poly.pdbx_strand_id                 A 
_entity_poly.pdbx_target_identifier         ? 
# 
loop_
_entity_poly_seq.entity_id 
_entity_poly_seq.num 
_entity_poly_seq.mon_id 
_entity_poly_seq.hetero 
1 1  MET n 
1 2  GLU n 
1 3  LEU n 
1 4  SER n 
1 5  ALA n 
1 6  SER n 
1 7  ALA n 
1 8  THR n 
1 9  GLU n 
1 10 LEU n 
1 11 LEU n 
1 12 GLN n 
1 13 ASP n 
1 14 TYR n 
1 15 MET n 
1 16 LEU n 
1 17 THR n 
1 18 LEU n 
1 19 ARG n 
1 20 THR n 
1 21 LYS n 
1 22 LEU n 
1 23 SER n 
1 24 SER n 
1 25 GLN n 
1 26 GLU n 
1 27 ILE n 
1 28 GLN n 
1 29 GLN n 
1 30 PHE n 
1 31 ALA n 
1 32 ALA n 
1 33 LEU n 
1 34 LEU n 
1 35 HIS n 
1 36 GLU n 
1 37 TYR n 
1 38 ARG n 
1 39 ASN n 
1 40 GLY n 
1 41 ALA n 
1 42 SER n 
1 43 ILE n 
1 44 HIS n 
1 45 GLU n 
1 46 PHE n 
1 47 CYS n 
1 48 ILE n 
1 49 ASN n 
1 50 LEU n 
1 51 ARG n 
1 52 GLN n 
1 53 LEU n 
1 54 TYR n 
1 55 GLY n 
1 56 ASP n 
1 57 SER n 
1 58 ARG n 
1 59 LYS n 
1 60 PHE n 
1 61 LEU n 
1 62 LEU n 
1 63 LEU n 
1 64 GLY n 
1 65 LEU n 
1 66 ARG n 
1 67 PRO n 
1 68 PHE n 
1 69 ILE n 
1 70 PRO n 
1 71 GLU n 
1 72 LYS n 
1 73 ASP n 
1 74 SER n 
1 75 GLN n 
1 76 HIS n 
1 77 PHE n 
1 78 GLU n 
1 79 ASN n 
1 80 PHE n 
1 81 LEU n 
1 82 GLU n 
1 83 THR n 
1 84 ILE n 
1 85 GLY n 
1 86 VAL n 
1 87 LYS n 
1 88 ASP n 
1 89 LEU n 
1 90 GLU n 
1 91 HIS n 
1 92 HIS n 
1 93 HIS n 
1 94 HIS n 
1 95 HIS n 
1 96 HIS n 
# 
_entity_src_gen.entity_id                          1 
_entity_src_gen.pdbx_src_id                        1 
_entity_src_gen.pdbx_alt_source_flag               sample 
_entity_src_gen.pdbx_seq_type                      'Biological sequence' 
_entity_src_gen.pdbx_beg_seq_num                   1 
_entity_src_gen.pdbx_end_seq_num                   96 
_entity_src_gen.gene_src_common_name               Human 
_entity_src_gen.gene_src_genus                     ? 
_entity_src_gen.pdbx_gene_src_gene                 CCM2 
_entity_src_gen.gene_src_species                   ? 
_entity_src_gen.gene_src_strain                    ? 
_entity_src_gen.gene_src_tissue                    ? 
_entity_src_gen.gene_src_tissue_fraction           ? 
_entity_src_gen.gene_src_details                   ? 
_entity_src_gen.pdbx_gene_src_fragment             ? 
_entity_src_gen.pdbx_gene_src_scientific_name      'Homo sapiens' 
_entity_src_gen.pdbx_gene_src_ncbi_taxonomy_id     9606 
_entity_src_gen.pdbx_gene_src_variant              ? 
_entity_src_gen.pdbx_gene_src_cell_line            ? 
_entity_src_gen.pdbx_gene_src_atcc                 ? 
_entity_src_gen.pdbx_gene_src_organ                ? 
_entity_src_gen.pdbx_gene_src_organelle            ? 
_entity_src_gen.pdbx_gene_src_cell                 ? 
_entity_src_gen.pdbx_gene_src_cellular_location    ? 
_entity_src_gen.host_org_common_name               ? 
_entity_src_gen.pdbx_host_org_scientific_name      'Escherichia coli BL21(DE3)' 
_entity_src_gen.pdbx_host_org_ncbi_taxonomy_id     469008 
_entity_src_gen.host_org_genus                     ? 
_entity_src_gen.pdbx_host_org_gene                 ? 
_entity_src_gen.pdbx_host_org_organ                ? 
_entity_src_gen.host_org_species                   ? 
_entity_src_gen.pdbx_host_org_tissue               ? 
_entity_src_gen.pdbx_host_org_tissue_fraction      ? 
_entity_src_gen.pdbx_host_org_strain               'BL21(DE3)' 
_entity_src_gen.pdbx_host_org_variant              ? 
_entity_src_gen.pdbx_host_org_cell_line            ? 
_entity_src_gen.pdbx_host_org_atcc                 ? 
_entity_src_gen.pdbx_host_org_culture_collection   ? 
_entity_src_gen.pdbx_host_org_cell                 ? 
_entity_src_gen.pdbx_host_org_organelle            ? 
_entity_src_gen.pdbx_host_org_cellular_location    ? 
_entity_src_gen.pdbx_host_org_vector_type          plasmid 
_entity_src_gen.pdbx_host_org_vector               ? 
_entity_src_gen.host_org_details                   ? 
_entity_src_gen.expression_system_id               ? 
_entity_src_gen.plasmid_name                       pET22b 
_entity_src_gen.plasmid_details                    ? 
_entity_src_gen.pdbx_description                   ? 
# 
_struct_ref.id                         1 
_struct_ref.db_name                    UNP 
_struct_ref.db_code                    CCM2_HUMAN 
_struct_ref.pdbx_db_accession          Q9BSQ5 
_struct_ref.pdbx_db_isoform            ? 
_struct_ref.entity_id                  1 
_struct_ref.pdbx_seq_one_letter_code   
;ELSASATELLQDYMLTLRTKLSSQEIQQFAALLHEYRNGASIHEFCINLRQLYGDSRKFLLLGLRPFIPEKDSQHFENFL
ETIGVKD
;
_struct_ref.pdbx_align_begin           290 
# 
_struct_ref_seq.align_id                      1 
_struct_ref_seq.ref_id                        1 
_struct_ref_seq.pdbx_PDB_id_code              4YKD 
_struct_ref_seq.pdbx_strand_id                A 
_struct_ref_seq.seq_align_beg                 2 
_struct_ref_seq.pdbx_seq_align_beg_ins_code   ? 
_struct_ref_seq.seq_align_end                 88 
_struct_ref_seq.pdbx_seq_align_end_ins_code   ? 
_struct_ref_seq.pdbx_db_accession             Q9BSQ5 
_struct_ref_seq.db_align_beg                  290 
_struct_ref_seq.pdbx_db_align_beg_ins_code    ? 
_struct_ref_seq.db_align_end                  376 
_struct_ref_seq.pdbx_db_align_end_ins_code    ? 
_struct_ref_seq.pdbx_auth_seq_align_beg       290 
_struct_ref_seq.pdbx_auth_seq_align_end       376 
# 
loop_
_struct_ref_seq_dif.align_id 
_struct_ref_seq_dif.pdbx_pdb_id_code 
_struct_ref_seq_dif.mon_id 
_struct_ref_seq_dif.pdbx_pdb_strand_id 
_struct_ref_seq_dif.seq_num 
_struct_ref_seq_dif.pdbx_pdb_ins_code 
_struct_ref_seq_dif.pdbx_seq_db_name 
_struct_ref_seq_dif.pdbx_seq_db_accession_code 
_struct_ref_seq_dif.db_mon_id 
_struct_ref_seq_dif.pdbx_seq_db_seq_num 
_struct_ref_seq_dif.details 
_struct_ref_seq_dif.pdbx_auth_seq_num 
_struct_ref_seq_dif.pdbx_ordinal 
1 4YKD MET A 1  ? UNP Q9BSQ5 ? ? 'expression tag' 289 1 
1 4YKD LEU A 89 ? UNP Q9BSQ5 ? ? 'expression tag' 377 2 
1 4YKD GLU A 90 ? UNP Q9BSQ5 ? ? 'expression tag' 378 3 
1 4YKD HIS A 91 ? UNP Q9BSQ5 ? ? 'expression tag' 379 4 
1 4YKD HIS A 92 ? UNP Q9BSQ5 ? ? 'expression tag' 380 5 
1 4YKD HIS A 93 ? UNP Q9BSQ5 ? ? 'expression tag' 381 6 
1 4YKD HIS A 94 ? UNP Q9BSQ5 ? ? 'expression tag' 382 7 
1 4YKD HIS A 95 ? UNP Q9BSQ5 ? ? 'expression tag' 383 8 
1 4YKD HIS A 96 ? UNP Q9BSQ5 ? ? 'expression tag' 384 9 
# 
loop_
_chem_comp.id 
_chem_comp.type 
_chem_comp.mon_nstd_flag 
_chem_comp.name 
_chem_comp.pdbx_synonyms 
_chem_comp.formula 
_chem_comp.formula_weight 
ALA 'L-peptide linking' y ALANINE         ? 'C3 H7 N O2'     89.093  
ARG 'L-peptide linking' y ARGININE        ? 'C6 H15 N4 O2 1' 175.209 
ASN 'L-peptide linking' y ASPARAGINE      ? 'C4 H8 N2 O3'    132.118 
ASP 'L-peptide linking' y 'ASPARTIC ACID' ? 'C4 H7 N O4'     133.103 
CYS 'L-peptide linking' y CYSTEINE        ? 'C3 H7 N O2 S'   121.158 
GLN 'L-peptide linking' y GLUTAMINE       ? 'C5 H10 N2 O3'   146.144 
GLU 'L-peptide linking' y 'GLUTAMIC ACID' ? 'C5 H9 N O4'     147.129 
GLY 'peptide linking'   y GLYCINE         ? 'C2 H5 N O2'     75.067  
HIS 'L-peptide linking' y HISTIDINE       ? 'C6 H10 N3 O2 1' 156.162 
HOH non-polymer         . WATER           ? 'H2 O'           18.015  
ILE 'L-peptide linking' y ISOLEUCINE      ? 'C6 H13 N O2'    131.173 
LEU 'L-peptide linking' y LEUCINE         ? 'C6 H13 N O2'    131.173 
LYS 'L-peptide linking' y LYSINE          ? 'C6 H15 N2 O2 1' 147.195 
MET 'L-peptide linking' y METHIONINE      ? 'C5 H11 N O2 S'  149.211 
PHE 'L-peptide linking' y PHENYLALANINE   ? 'C9 H11 N O2'    165.189 
PRO 'L-peptide linking' y PROLINE         ? 'C5 H9 N O2'     115.130 
SER 'L-peptide linking' y SERINE          ? 'C3 H7 N O3'     105.093 
THR 'L-peptide linking' y THREONINE       ? 'C4 H9 N O3'     119.119 
TYR 'L-peptide linking' y TYROSINE        ? 'C9 H11 N O3'    181.189 
VAL 'L-peptide linking' y VALINE          ? 'C5 H11 N O2'    117.146 
# 
_exptl.absorpt_coefficient_mu     ? 
_exptl.absorpt_correction_T_max   ? 
_exptl.absorpt_correction_T_min   ? 
_exptl.absorpt_correction_type    ? 
_exptl.absorpt_process_details    ? 
_exptl.entry_id                   4YKD 
_exptl.crystals_number            ? 
_exptl.details                    ? 
_exptl.method                     'X-RAY DIFFRACTION' 
_exptl.method_details             ? 
# 
_exptl_crystal.colour                      ? 
_exptl_crystal.density_diffrn              ? 
_exptl_crystal.density_Matthews            2.31 
_exptl_crystal.density_method              ? 
_exptl_crystal.density_percent_sol         46.70 
_exptl_crystal.description                 ? 
_exptl_crystal.F_000                       ? 
_exptl_crystal.id                          1 
_exptl_crystal.preparation                 ? 
_exptl_crystal.size_max                    ? 
_exptl_crystal.size_mid                    ? 
_exptl_crystal.size_min                    ? 
_exptl_crystal.size_rad                    ? 
_exptl_crystal.colour_lustre               ? 
_exptl_crystal.colour_modifier             ? 
_exptl_crystal.colour_primary              ? 
_exptl_crystal.density_meas                ? 
_exptl_crystal.density_meas_esd            ? 
_exptl_crystal.density_meas_gt             ? 
_exptl_crystal.density_meas_lt             ? 
_exptl_crystal.density_meas_temp           ? 
_exptl_crystal.density_meas_temp_esd       ? 
_exptl_crystal.density_meas_temp_gt        ? 
_exptl_crystal.density_meas_temp_lt        ? 
_exptl_crystal.pdbx_crystal_image_url      ? 
_exptl_crystal.pdbx_crystal_image_format   ? 
_exptl_crystal.pdbx_mosaicity              ? 
_exptl_crystal.pdbx_mosaicity_esd          ? 
# 
_exptl_crystal_grow.apparatus       ? 
_exptl_crystal_grow.atmosphere      ? 
_exptl_crystal_grow.crystal_id      1 
_exptl_crystal_grow.details         ? 
_exptl_crystal_grow.method          'VAPOR DIFFUSION, SITTING DROP' 
_exptl_crystal_grow.method_ref      ? 
_exptl_crystal_grow.pH              6.5 
_exptl_crystal_grow.pressure        ? 
_exptl_crystal_grow.pressure_esd    ? 
_exptl_crystal_grow.seeding         ? 
_exptl_crystal_grow.seeding_ref     ? 
_exptl_crystal_grow.temp            293 
_exptl_crystal_grow.temp_details    ? 
_exptl_crystal_grow.temp_esd        ? 
_exptl_crystal_grow.time            ? 
_exptl_crystal_grow.pdbx_details    '0.1 M Bis-Tris, 30%(w/v) polyethylene glycol 550, 50 mM calcium chloride' 
_exptl_crystal_grow.pdbx_pH_range   ? 
# 
_diffrn.ambient_environment    ? 
_diffrn.ambient_temp           100 
_diffrn.ambient_temp_details   ? 
_diffrn.ambient_temp_esd       ? 
_diffrn.crystal_id             1 
_diffrn.crystal_support        ? 
_diffrn.crystal_treatment      ? 
_diffrn.details                ? 
_diffrn.id                     1 
_diffrn.ambient_pressure       ? 
_diffrn.ambient_pressure_esd   ? 
_diffrn.ambient_pressure_gt    ? 
_diffrn.ambient_pressure_lt    ? 
_diffrn.ambient_temp_gt        ? 
_diffrn.ambient_temp_lt        ? 
# 
_diffrn_detector.details                      ? 
_diffrn_detector.detector                     CCD 
_diffrn_detector.diffrn_id                    1 
_diffrn_detector.type                         'MARMOSAIC 225 mm CCD' 
_diffrn_detector.area_resol_mean              ? 
_diffrn_detector.dtime                        ? 
_diffrn_detector.pdbx_frames_total            ? 
_diffrn_detector.pdbx_collection_time_total   ? 
_diffrn_detector.pdbx_collection_date         2010-12-07 
# 
_diffrn_radiation.collimation                      ? 
_diffrn_radiation.diffrn_id                        1 
_diffrn_radiation.filter_edge                      ? 
_diffrn_radiation.inhomogeneity                    ? 
_diffrn_radiation.monochromator                    ? 
_diffrn_radiation.polarisn_norm                    ? 
_diffrn_radiation.polarisn_ratio                   ? 
_diffrn_radiation.probe                            ? 
_diffrn_radiation.type                             ? 
_diffrn_radiation.xray_symbol                      ? 
_diffrn_radiation.wavelength_id                    1 
_diffrn_radiation.pdbx_monochromatic_or_laue_m_l   M 
_diffrn_radiation.pdbx_wavelength_list             ? 
_diffrn_radiation.pdbx_wavelength                  ? 
_diffrn_radiation.pdbx_diffrn_protocol             'SINGLE WAVELENGTH' 
_diffrn_radiation.pdbx_analyzer                    ? 
_diffrn_radiation.pdbx_scattering_type             x-ray 
# 
_diffrn_radiation_wavelength.id           1 
_diffrn_radiation_wavelength.wavelength   0.97908 
_diffrn_radiation_wavelength.wt           1.0 
# 
_diffrn_source.current                     ? 
_diffrn_source.details                     ? 
_diffrn_source.diffrn_id                   1 
_diffrn_source.power                       ? 
_diffrn_source.size                        ? 
_diffrn_source.source                      SYNCHROTRON 
_diffrn_source.target                      ? 
_diffrn_source.type                        'SSRF BEAMLINE BL17U' 
_diffrn_source.voltage                     ? 
_diffrn_source.take-off_angle              ? 
_diffrn_source.pdbx_wavelength_list        0.97908 
_diffrn_source.pdbx_wavelength             ? 
_diffrn_source.pdbx_synchrotron_beamline   BL17U 
_diffrn_source.pdbx_synchrotron_site       SSRF 
# 
_reflns.B_iso_Wilson_estimate            24.04 
_reflns.entry_id                         4YKD 
_reflns.data_reduction_details           ? 
_reflns.data_reduction_method            ? 
_reflns.d_resolution_high                1.93 
_reflns.d_resolution_low                 37.31 
_reflns.details                          ? 
_reflns.limit_h_max                      ? 
_reflns.limit_h_min                      ? 
_reflns.limit_k_max                      ? 
_reflns.limit_k_min                      ? 
_reflns.limit_l_max                      ? 
_reflns.limit_l_min                      ? 
_reflns.number_all                       ? 
_reflns.number_obs                       8320 
_reflns.observed_criterion               ? 
_reflns.observed_criterion_F_max         ? 
_reflns.observed_criterion_F_min         ? 
_reflns.observed_criterion_I_max         ? 
_reflns.observed_criterion_I_min         ? 
_reflns.observed_criterion_sigma_F       ? 
_reflns.observed_criterion_sigma_I       ? 
_reflns.percent_possible_obs             97.3 
_reflns.R_free_details                   ? 
_reflns.Rmerge_F_all                     ? 
_reflns.Rmerge_F_obs                     ? 
_reflns.Friedel_coverage                 ? 
_reflns.number_gt                        ? 
_reflns.threshold_expression             ? 
_reflns.pdbx_redundancy                  21.1 
_reflns.pdbx_Rmerge_I_obs                ? 
_reflns.pdbx_Rmerge_I_all                ? 
_reflns.pdbx_Rsym_value                  0.042 
_reflns.pdbx_netI_over_av_sigmaI         ? 
_reflns.pdbx_netI_over_sigmaI            55.5 
_reflns.pdbx_res_netI_over_av_sigmaI_2   ? 
_reflns.pdbx_res_netI_over_sigmaI_2      ? 
_reflns.pdbx_chi_squared                 ? 
_reflns.pdbx_scaling_rejects             ? 
_reflns.pdbx_d_res_high_opt              ? 
_reflns.pdbx_d_res_low_opt               ? 
_reflns.pdbx_d_res_opt_method            ? 
_reflns.phase_calculation_details        ? 
_reflns.pdbx_Rrim_I_all                  ? 
_reflns.pdbx_Rpim_I_all                  ? 
_reflns.pdbx_d_opt                       ? 
_reflns.pdbx_number_measured_all         ? 
_reflns.pdbx_diffrn_id                   1 
_reflns.pdbx_ordinal                     1 
_reflns.pdbx_CC_half                     ? 
_reflns.pdbx_R_split                     ? 
# 
_reflns_shell.d_res_high                  1.93 
_reflns_shell.d_res_low                   2.04 
_reflns_shell.meanI_over_sigI_all         ? 
_reflns_shell.meanI_over_sigI_obs         30.5 
_reflns_shell.number_measured_all         ? 
_reflns_shell.number_measured_obs         ? 
_reflns_shell.number_possible             ? 
_reflns_shell.number_unique_all           ? 
_reflns_shell.number_unique_obs           ? 
_reflns_shell.percent_possible_all        96.7 
_reflns_shell.percent_possible_obs        ? 
_reflns_shell.Rmerge_F_all                ? 
_reflns_shell.Rmerge_F_obs                ? 
_reflns_shell.Rmerge_I_all                ? 
_reflns_shell.Rmerge_I_obs                0.079 
_reflns_shell.meanI_over_sigI_gt          ? 
_reflns_shell.meanI_over_uI_all           ? 
_reflns_shell.meanI_over_uI_gt            ? 
_reflns_shell.number_measured_gt          ? 
_reflns_shell.number_unique_gt            ? 
_reflns_shell.percent_possible_gt         ? 
_reflns_shell.Rmerge_F_gt                 ? 
_reflns_shell.Rmerge_I_gt                 ? 
_reflns_shell.pdbx_redundancy             21.8 
_reflns_shell.pdbx_Rsym_value             ? 
_reflns_shell.pdbx_chi_squared            ? 
_reflns_shell.pdbx_netI_over_sigmaI_all   ? 
_reflns_shell.pdbx_netI_over_sigmaI_obs   ? 
_reflns_shell.pdbx_Rrim_I_all             ? 
_reflns_shell.pdbx_Rpim_I_all             ? 
_reflns_shell.pdbx_rejects                ? 
_reflns_shell.pdbx_ordinal                1 
_reflns_shell.pdbx_diffrn_id              1 
_reflns_shell.pdbx_CC_half                ? 
_reflns_shell.pdbx_R_split                ? 
# 
_refine.aniso_B[1][1]                            0.5608 
_refine.aniso_B[1][2]                            0.0000 
_refine.aniso_B[1][3]                            -0.0000 
_refine.aniso_B[2][2]                            0.5608 
_refine.aniso_B[2][3]                            0.0000 
_refine.aniso_B[3][3]                            -1.1217 
_refine.B_iso_max                                ? 
_refine.B_iso_mean                               ? 
_refine.B_iso_min                                ? 
_refine.correlation_coeff_Fo_to_Fc               ? 
_refine.correlation_coeff_Fo_to_Fc_free          ? 
_refine.details                                  ? 
_refine.diff_density_max                         ? 
_refine.diff_density_max_esd                     ? 
_refine.diff_density_min                         ? 
_refine.diff_density_min_esd                     ? 
_refine.diff_density_rms                         ? 
_refine.diff_density_rms_esd                     ? 
_refine.entry_id                                 4YKD 
_refine.pdbx_refine_id                           'X-RAY DIFFRACTION' 
_refine.ls_abs_structure_details                 ? 
_refine.ls_abs_structure_Flack                   ? 
_refine.ls_abs_structure_Flack_esd               ? 
_refine.ls_abs_structure_Rogers                  ? 
_refine.ls_abs_structure_Rogers_esd              ? 
_refine.ls_d_res_high                            1.932 
_refine.ls_d_res_low                             31.864 
_refine.ls_extinction_coef                       ? 
_refine.ls_extinction_coef_esd                   ? 
_refine.ls_extinction_expression                 ? 
_refine.ls_extinction_method                     ? 
_refine.ls_goodness_of_fit_all                   ? 
_refine.ls_goodness_of_fit_all_esd               ? 
_refine.ls_goodness_of_fit_obs                   ? 
_refine.ls_goodness_of_fit_obs_esd               ? 
_refine.ls_hydrogen_treatment                    ? 
_refine.ls_matrix_type                           ? 
_refine.ls_number_constraints                    ? 
_refine.ls_number_parameters                     ? 
_refine.ls_number_reflns_all                     ? 
_refine.ls_number_reflns_obs                     8320 
_refine.ls_number_reflns_R_free                  392 
_refine.ls_number_reflns_R_work                  ? 
_refine.ls_number_restraints                     ? 
_refine.ls_percent_reflns_obs                    96.23 
_refine.ls_percent_reflns_R_free                 4.71 
_refine.ls_R_factor_all                          ? 
_refine.ls_R_factor_obs                          0.2021 
_refine.ls_R_factor_R_free                       0.2346 
_refine.ls_R_factor_R_free_error                 ? 
_refine.ls_R_factor_R_free_error_details         ? 
_refine.ls_R_factor_R_work                       0.2004 
_refine.ls_R_Fsqd_factor_obs                     ? 
_refine.ls_R_I_factor_obs                        ? 
_refine.ls_redundancy_reflns_all                 ? 
_refine.ls_redundancy_reflns_obs                 ? 
_refine.ls_restrained_S_all                      ? 
_refine.ls_restrained_S_obs                      ? 
_refine.ls_shift_over_esd_max                    ? 
_refine.ls_shift_over_esd_mean                   ? 
_refine.ls_structure_factor_coef                 ? 
_refine.ls_weighting_details                     ? 
_refine.ls_weighting_scheme                      ? 
_refine.ls_wR_factor_all                         ? 
_refine.ls_wR_factor_obs                         ? 
_refine.ls_wR_factor_R_free                      ? 
_refine.ls_wR_factor_R_work                      ? 
_refine.occupancy_max                            ? 
_refine.occupancy_min                            ? 
_refine.solvent_model_details                    'FLAT BULK SOLVENT MODEL' 
_refine.solvent_model_param_bsol                 49.609 
_refine.solvent_model_param_ksol                 0.407 
_refine.ls_R_factor_gt                           ? 
_refine.ls_goodness_of_fit_gt                    ? 
_refine.ls_goodness_of_fit_ref                   ? 
_refine.ls_shift_over_su_max                     ? 
_refine.ls_shift_over_su_max_lt                  ? 
_refine.ls_shift_over_su_mean                    ? 
_refine.ls_shift_over_su_mean_lt                 ? 
_refine.pdbx_ls_sigma_I                          ? 
_refine.pdbx_ls_sigma_F                          1.42 
_refine.pdbx_ls_sigma_Fsqd                       ? 
_refine.pdbx_data_cutoff_high_absF               ? 
_refine.pdbx_data_cutoff_high_rms_absF           ? 
_refine.pdbx_data_cutoff_low_absF                ? 
_refine.pdbx_isotropic_thermal_model             ? 
_refine.pdbx_ls_cross_valid_method               'FREE R-VALUE' 
_refine.pdbx_method_to_determine_struct          'MOLECULAR REPLACEMENT' 
_refine.pdbx_starting_model                      4YKC 
_refine.pdbx_stereochemistry_target_values       ML 
_refine.pdbx_R_Free_selection_details            Random 
_refine.pdbx_stereochem_target_val_spec_case     ? 
_refine.pdbx_overall_ESU_R                       ? 
_refine.pdbx_overall_ESU_R_Free                  ? 
_refine.pdbx_solvent_vdw_probe_radii             1.10 
_refine.pdbx_solvent_ion_probe_radii             ? 
_refine.pdbx_solvent_shrinkage_radii             0.86 
_refine.pdbx_real_space_R                        ? 
_refine.pdbx_density_correlation                 ? 
_refine.pdbx_pd_number_of_powder_patterns        ? 
_refine.pdbx_pd_number_of_points                 ? 
_refine.pdbx_pd_meas_number_of_points            ? 
_refine.pdbx_pd_proc_ls_prof_R_factor            ? 
_refine.pdbx_pd_proc_ls_prof_wR_factor           ? 
_refine.pdbx_pd_Marquardt_correlation_coeff      ? 
_refine.pdbx_pd_Fsqrd_R_factor                   ? 
_refine.pdbx_pd_ls_matrix_band_width             ? 
_refine.pdbx_overall_phase_error                 21.67 
_refine.pdbx_overall_SU_R_free_Cruickshank_DPI   ? 
_refine.pdbx_overall_SU_R_free_Blow_DPI          ? 
_refine.pdbx_overall_SU_R_Blow_DPI               ? 
_refine.pdbx_TLS_residual_ADP_flag               ? 
_refine.pdbx_diffrn_id                           1 
_refine.overall_SU_B                             ? 
_refine.overall_SU_ML                            0.23 
_refine.overall_SU_R_Cruickshank_DPI             ? 
_refine.overall_SU_R_free                        ? 
_refine.overall_FOM_free_R_set                   ? 
_refine.overall_FOM_work_R_set                   ? 
_refine.pdbx_average_fsc_overall                 ? 
_refine.pdbx_average_fsc_work                    ? 
_refine.pdbx_average_fsc_free                    ? 
# 
_refine_hist.pdbx_refine_id                   'X-RAY DIFFRACTION' 
_refine_hist.cycle_id                         LAST 
_refine_hist.pdbx_number_atoms_protein        688 
_refine_hist.pdbx_number_atoms_nucleic_acid   0 
_refine_hist.pdbx_number_atoms_ligand         0 
_refine_hist.number_atoms_solvent             74 
_refine_hist.number_atoms_total               762 
_refine_hist.d_res_high                       1.932 
_refine_hist.d_res_low                        31.864 
# 
loop_
_refine_ls_restr.pdbx_refine_id 
_refine_ls_restr.criterion 
_refine_ls_restr.dev_ideal 
_refine_ls_restr.dev_ideal_target 
_refine_ls_restr.number 
_refine_ls_restr.rejects 
_refine_ls_restr.type 
_refine_ls_restr.weight 
_refine_ls_restr.pdbx_restraint_function 
'X-RAY DIFFRACTION' ? 0.014  ? 701 ? f_bond_d           ? ? 
'X-RAY DIFFRACTION' ? 1.406  ? 943 ? f_angle_d          ? ? 
'X-RAY DIFFRACTION' ? 14.792 ? 263 ? f_dihedral_angle_d ? ? 
'X-RAY DIFFRACTION' ? 0.087  ? 104 ? f_chiral_restr     ? ? 
'X-RAY DIFFRACTION' ? 0.007  ? 122 ? f_plane_restr      ? ? 
# 
loop_
_refine_ls_shell.pdbx_refine_id 
_refine_ls_shell.d_res_high 
_refine_ls_shell.d_res_low 
_refine_ls_shell.number_reflns_all 
_refine_ls_shell.number_reflns_obs 
_refine_ls_shell.number_reflns_R_free 
_refine_ls_shell.number_reflns_R_work 
_refine_ls_shell.percent_reflns_obs 
_refine_ls_shell.percent_reflns_R_free 
_refine_ls_shell.R_factor_all 
_refine_ls_shell.R_factor_obs 
_refine_ls_shell.R_factor_R_free 
_refine_ls_shell.R_factor_R_free_error 
_refine_ls_shell.R_factor_R_work 
_refine_ls_shell.redundancy_reflns_all 
_refine_ls_shell.redundancy_reflns_obs 
_refine_ls_shell.wR_factor_all 
_refine_ls_shell.wR_factor_obs 
_refine_ls_shell.wR_factor_R_free 
_refine_ls_shell.wR_factor_R_work 
_refine_ls_shell.pdbx_total_number_of_bins_used 
_refine_ls_shell.pdbx_phase_error 
_refine_ls_shell.pdbx_fsc_work 
_refine_ls_shell.pdbx_fsc_free 
'X-RAY DIFFRACTION' 1.9320 2.2115  . . 131 2540 96.00 . . . 0.2953 . 0.2177 . . . . . . . . . . 
'X-RAY DIFFRACTION' 2.2115 2.7861  . . 127 2616 97.00 . . . 0.2766 . 0.1963 . . . . . . . . . . 
'X-RAY DIFFRACTION' 2.7861 31.8685 . . 134 2772 96.00 . . . 0.2017 . 0.1978 . . . . . . . . . . 
# 
_struct.entry_id                     4YKD 
_struct.title                        'Crystal structure of truncated cerebral cavernous malformation 2 C-terminal adaptor domain' 
_struct.pdbx_model_details           ? 
_struct.pdbx_formula_weight          ? 
_struct.pdbx_formula_weight_method   ? 
_struct.pdbx_model_type_details      ? 
_struct.pdbx_CASP_flag               ? 
# 
_struct_keywords.entry_id        4YKD 
_struct_keywords.text            'adaptor protein, PROTEIN BINDING' 
_struct_keywords.pdbx_keywords   'PROTEIN BINDING' 
# 
loop_
_struct_asym.id 
_struct_asym.pdbx_blank_PDB_chainid_flag 
_struct_asym.pdbx_modified 
_struct_asym.entity_id 
_struct_asym.details 
A N N 1 ? 
B N N 2 ? 
# 
loop_
_struct_conf.conf_type_id 
_struct_conf.id 
_struct_conf.pdbx_PDB_helix_id 
_struct_conf.beg_label_comp_id 
_struct_conf.beg_label_asym_id 
_struct_conf.beg_label_seq_id 
_struct_conf.pdbx_beg_PDB_ins_code 
_struct_conf.end_label_comp_id 
_struct_conf.end_label_asym_id 
_struct_conf.end_label_seq_id 
_struct_conf.pdbx_end_PDB_ins_code 
_struct_conf.beg_auth_comp_id 
_struct_conf.beg_auth_asym_id 
_struct_conf.beg_auth_seq_id 
_struct_conf.end_auth_comp_id 
_struct_conf.end_auth_asym_id 
_struct_conf.end_auth_seq_id 
_struct_conf.pdbx_PDB_helix_class 
_struct_conf.details 
_struct_conf.pdbx_PDB_helix_length 
HELX_P HELX_P1 AA1 SER A 6  ? THR A 20 ? SER A 294 THR A 308 1 ? 15 
HELX_P HELX_P2 AA2 SER A 23 ? ASN A 39 ? SER A 311 ASN A 327 1 ? 17 
HELX_P HELX_P3 AA3 SER A 42 ? GLY A 55 ? SER A 330 GLY A 343 1 ? 14 
HELX_P HELX_P4 AA4 ASP A 56 ? ILE A 69 ? ASP A 344 ILE A 357 5 ? 14 
HELX_P HELX_P5 AA5 PRO A 70 ? ILE A 84 ? PRO A 358 ILE A 372 1 ? 15 
# 
_struct_conf_type.id          HELX_P 
_struct_conf_type.criteria    ? 
_struct_conf_type.reference   ? 
# 
_atom_sites.entry_id                    4YKD 
_atom_sites.fract_transf_matrix[1][1]   0.00621199 
_atom_sites.fract_transf_matrix[1][2]   0.02160345 
_atom_sites.fract_transf_matrix[1][3]   0.00037854 
_atom_sites.fract_transf_matrix[2][1]   0.00551709 
_atom_sites.fract_transf_matrix[2][2]   0.00977086 
_atom_sites.fract_transf_matrix[2][3]   0.01948274 
_atom_sites.fract_transf_matrix[3][1]   0.00695638 
_atom_sites.fract_transf_matrix[3][2]   -0.00198319 
_atom_sites.fract_transf_matrix[3][3]   -0.00097530 
_atom_sites.fract_transf_vector[1]      0.444356 
_atom_sites.fract_transf_vector[2]      0.424216 
_atom_sites.fract_transf_vector[3]      0.018642 
# 
loop_
_atom_type.symbol 
C 
N 
O 
S 
# 
loop_
_atom_site.group_PDB 
_atom_site.id 
_atom_site.type_symbol 
_atom_site.label_atom_id 
_atom_site.label_alt_id 
_atom_site.label_comp_id 
_atom_site.label_asym_id 
_atom_site.label_entity_id 
_atom_site.label_seq_id 
_atom_site.pdbx_PDB_ins_code 
_atom_site.Cartn_x 
_atom_site.Cartn_y 
_atom_site.Cartn_z 
_atom_site.occupancy 
_atom_site.B_iso_or_equiv 
_atom_site.pdbx_formal_charge 
_atom_site.auth_seq_id 
_atom_site.auth_comp_id 
_atom_site.auth_asym_id 
_atom_site.auth_atom_id 
_atom_site.pdbx_PDB_model_num 
ATOM   1   N N   . ALA A 1 5  ? 4.204   -4.110  18.292  1.00 52.57 ? 293 ALA A N   1 
ATOM   2   C CA  . ALA A 1 5  ? 3.259   -3.148  17.727  1.00 45.58 ? 293 ALA A CA  1 
ATOM   3   C C   . ALA A 1 5  ? 2.224   -3.886  16.908  1.00 33.88 ? 293 ALA A C   1 
ATOM   4   O O   . ALA A 1 5  ? 2.572   -4.622  15.982  1.00 36.94 ? 293 ALA A O   1 
ATOM   5   C CB  . ALA A 1 5  ? 3.975   -2.118  16.861  1.00 42.68 ? 293 ALA A CB  1 
ATOM   6   N N   . SER A 1 6  ? 0.954   -3.698  17.266  1.00 30.63 ? 294 SER A N   1 
ATOM   7   C CA  . SER A 1 6  ? -0.170  -4.347  16.591  1.00 33.36 ? 294 SER A CA  1 
ATOM   8   C C   . SER A 1 6  ? -0.447  -3.741  15.207  1.00 32.27 ? 294 SER A C   1 
ATOM   9   O O   . SER A 1 6  ? -0.019  -2.617  14.928  1.00 31.86 ? 294 SER A O   1 
ATOM   10  C CB  . SER A 1 6  ? -1.433  -4.179  17.438  1.00 29.94 ? 294 SER A CB  1 
ATOM   11  O OG  . SER A 1 6  ? -1.843  -2.825  17.442  1.00 28.11 ? 294 SER A OG  1 
ATOM   12  N N   . ALA A 1 7  ? -1.206  -4.455  14.373  1.00 30.76 ? 295 ALA A N   1 
ATOM   13  C CA  . ALA A 1 7  ? -1.519  -3.977  13.024  1.00 33.86 ? 295 ALA A CA  1 
ATOM   14  C C   . ALA A 1 7  ? -2.330  -2.695  13.137  1.00 31.97 ? 295 ALA A C   1 
ATOM   15  O O   . ALA A 1 7  ? -2.213  -1.793  12.320  1.00 28.87 ? 295 ALA A O   1 
ATOM   16  C CB  . ALA A 1 7  ? -2.308  -5.026  12.235  1.00 31.54 ? 295 ALA A CB  1 
ATOM   17  N N   . THR A 1 8  ? -3.185  -2.642  14.144  1.00 28.87 ? 296 THR A N   1 
ATOM   18  C CA  . THR A 1 8  ? -3.986  -1.458  14.389  1.00 30.40 ? 296 THR A CA  1 
ATOM   19  C C   . THR A 1 8  ? -3.119  -0.200  14.592  1.00 28.78 ? 296 THR A C   1 
ATOM   20  O O   . THR A 1 8  ? -3.345  0.873   13.998  1.00 29.73 ? 296 THR A O   1 
ATOM   21  C CB  . THR A 1 8  ? -4.829  -1.673  15.653  1.00 34.33 ? 296 THR A CB  1 
ATOM   22  O OG1 . THR A 1 8  ? -5.580  -2.889  15.508  1.00 34.34 ? 296 THR A OG1 1 
ATOM   23  C CG2 . THR A 1 8  ? -5.768  -0.480  15.862  1.00 40.06 ? 296 THR A CG2 1 
ATOM   24  N N   . GLU A 1 9  ? -2.137  -0.351  15.464  1.00 26.60 ? 297 GLU A N   1 
ATOM   25  C CA  . GLU A 1 9  ? -1.180  0.693   15.761  1.00 27.59 ? 297 GLU A CA  1 
ATOM   26  C C   . GLU A 1 9  ? -0.347  1.038   14.529  1.00 26.88 ? 297 GLU A C   1 
ATOM   27  O O   . GLU A 1 9  ? -0.167  2.220   14.185  1.00 27.78 ? 297 GLU A O   1 
ATOM   28  C CB  . GLU A 1 9  ? -0.266  0.172   16.865  1.00 35.06 ? 297 GLU A CB  1 
ATOM   29  C CG  . GLU A 1 9  ? 0.759   1.138   17.379  1.00 55.86 ? 297 GLU A CG  1 
ATOM   30  C CD  . GLU A 1 9  ? 1.479   0.587   18.590  1.00 75.34 ? 297 GLU A CD  1 
ATOM   31  O OE1 . GLU A 1 9  ? 1.092   -0.514  19.068  1.00 70.45 ? 297 GLU A OE1 1 
ATOM   32  O OE2 . GLU A 1 9  ? 2.426   1.257   19.058  1.00 61.31 ? 297 GLU A OE2 1 
ATOM   33  N N   . LEU A 1 10 ? 0.188   0.004   13.877  1.00 26.06 ? 298 LEU A N   1 
ATOM   34  C CA  . LEU A 1 10 ? 0.995   0.209   12.675  1.00 32.18 ? 298 LEU A CA  1 
ATOM   35  C C   . LEU A 1 10 ? 0.219   1.014   11.611  1.00 27.53 ? 298 LEU A C   1 
ATOM   36  O O   . LEU A 1 10 ? 0.779   1.904   10.963  1.00 22.73 ? 298 LEU A O   1 
ATOM   37  C CB  . LEU A 1 10 ? 1.457   -1.133  12.104  1.00 21.64 ? 298 LEU A CB  1 
ATOM   38  C CG  . LEU A 1 10 ? 2.500   -1.829  12.964  1.00 20.01 ? 298 LEU A CG  1 
ATOM   39  C CD1 . LEU A 1 10 ? 2.829   -3.187  12.412  1.00 29.56 ? 298 LEU A CD1 1 
ATOM   40  C CD2 . LEU A 1 10 ? 3.746   -0.959  13.065  1.00 25.46 ? 298 LEU A CD2 1 
ATOM   41  N N   . LEU A 1 11 ? -1.063  0.703   11.456  1.00 21.03 ? 299 LEU A N   1 
ATOM   42  C CA  . LEU A 1 11 ? -1.906  1.367   10.464  1.00 19.69 ? 299 LEU A CA  1 
ATOM   43  C C   . LEU A 1 11 ? -2.191  2.818   10.838  1.00 34.66 ? 299 LEU A C   1 
ATOM   44  O O   . LEU A 1 11 ? -2.209  3.713   9.977   1.00 20.92 ? 299 LEU A O   1 
ATOM   45  C CB  . LEU A 1 11 ? -3.214  0.574   10.230  1.00 14.26 ? 299 LEU A CB  1 
ATOM   46  C CG  . LEU A 1 11 ? -4.114  1.153   9.130   1.00 15.16 ? 299 LEU A CG  1 
ATOM   47  C CD1 . LEU A 1 11 ? -3.343  1.292   7.796   1.00 24.11 ? 299 LEU A CD1 1 
ATOM   48  C CD2 . LEU A 1 11 ? -5.411  0.356   8.949   1.00 20.70 ? 299 LEU A CD2 1 
ATOM   49  N N   . GLN A 1 12 ? -2.412  3.059   12.124  1.00 21.22 ? 300 GLN A N   1 
ATOM   50  C CA  . GLN A 1 12 ? -2.506  4.447   12.594  1.00 26.87 ? 300 GLN A CA  1 
ATOM   51  C C   . GLN A 1 12 ? -1.243  5.270   12.286  1.00 19.98 ? 300 GLN A C   1 
ATOM   52  O O   . GLN A 1 12 ? -1.338  6.380   11.725  1.00 24.30 ? 300 GLN A O   1 
ATOM   53  C CB  . GLN A 1 12 ? -2.797  4.464   14.095  1.00 32.08 ? 300 GLN A CB  1 
ATOM   54  C CG  . GLN A 1 12 ? -4.222  4.140   14.391  1.00 41.56 ? 300 GLN A CG  1 
ATOM   55  C CD  . GLN A 1 12 ? -4.497  4.062   15.876  1.00 52.59 ? 300 GLN A CD  1 
ATOM   56  O OE1 . GLN A 1 12 ? -3.570  3.988   16.690  1.00 45.83 ? 300 GLN A OE1 1 
ATOM   57  N NE2 . GLN A 1 12 ? -5.777  4.073   16.238  1.00 57.61 ? 300 GLN A NE2 1 
ATOM   58  N N   . ASP A 1 13 ? -0.075  4.710   12.602  1.00 22.05 ? 301 ASP A N   1 
ATOM   59  C CA  . ASP A 1 13 ? 1.202   5.352   12.257  1.00 24.67 ? 301 ASP A CA  1 
ATOM   60  C C   . ASP A 1 13 ? 1.343   5.584   10.751  1.00 23.13 ? 301 ASP A C   1 
ATOM   61  O O   . ASP A 1 13 ? 1.853   6.623   10.305  1.00 23.71 ? 301 ASP A O   1 
ATOM   62  C CB  . ASP A 1 13 ? 2.380   4.508   12.703  1.00 24.81 ? 301 ASP A CB  1 
ATOM   63  C CG  . ASP A 1 13 ? 2.471   4.385   14.197  1.00 40.04 ? 301 ASP A CG  1 
ATOM   64  O OD1 . ASP A 1 13 ? 1.678   5.057   14.892  1.00 35.94 ? 301 ASP A OD1 1 
ATOM   65  O OD2 . ASP A 1 13 ? 3.322   3.605   14.668  1.00 36.89 ? 301 ASP A OD2 1 
ATOM   66  N N   . TYR A 1 14 ? 0.888   4.603   9.981   1.00 24.97 ? 302 TYR A N   1 
ATOM   67  C CA  . TYR A 1 14 ? 1.077   4.627   8.546   1.00 21.24 ? 302 TYR A CA  1 
ATOM   68  C C   . TYR A 1 14 ? 0.195   5.717   7.962   1.00 24.21 ? 302 TYR A C   1 
ATOM   69  O O   . TYR A 1 14 ? 0.615   6.457   7.088   1.00 19.14 ? 302 TYR A O   1 
ATOM   70  C CB  . TYR A 1 14 ? 0.731   3.264   7.923   1.00 18.01 ? 302 TYR A CB  1 
ATOM   71  C CG  . TYR A 1 14 ? 1.049   3.213   6.429   1.00 15.24 ? 302 TYR A CG  1 
ATOM   72  C CD1 . TYR A 1 14 ? 2.381   3.247   5.973   1.00 22.28 ? 302 TYR A CD1 1 
ATOM   73  C CD2 . TYR A 1 14 ? 0.044   3.165   5.493   1.00 20.56 ? 302 TYR A CD2 1 
ATOM   74  C CE1 . TYR A 1 14 ? 2.682   3.215   4.590   1.00 16.59 ? 302 TYR A CE1 1 
ATOM   75  C CE2 . TYR A 1 14 ? 0.336   3.142   4.102   1.00 27.21 ? 302 TYR A CE2 1 
ATOM   76  C CZ  . TYR A 1 14 ? 1.665   3.160   3.676   1.00 19.50 ? 302 TYR A CZ  1 
ATOM   77  O OH  . TYR A 1 14 ? 1.960   3.140   2.316   1.00 19.18 ? 302 TYR A OH  1 
ATOM   78  N N   . MET A 1 15 ? -1.037  5.819   8.443   1.00 21.34 ? 303 MET A N   1 
ATOM   79  C CA  . MET A 1 15 ? -1.952  6.841   7.946   1.00 19.84 ? 303 MET A CA  1 
ATOM   80  C C   . MET A 1 15 ? -1.462  8.225   8.325   1.00 22.11 ? 303 MET A C   1 
ATOM   81  O O   . MET A 1 15 ? -1.655  9.193   7.573   1.00 26.07 ? 303 MET A O   1 
ATOM   82  C CB  . MET A 1 15 ? -3.368  6.626   8.473   1.00 19.23 ? 303 MET A CB  1 
ATOM   83  C CG  . MET A 1 15 ? -4.006  5.359   7.953   1.00 28.40 ? 303 MET A CG  1 
ATOM   84  S SD  . MET A 1 15 ? -4.130  5.231   6.137   1.00 27.01 ? 303 MET A SD  1 
ATOM   85  C CE  . MET A 1 15 ? -4.961  6.748   5.707   1.00 23.91 ? 303 MET A CE  1 
ATOM   86  N N   . LEU A 1 16 ? -0.811  8.316   9.477   1.00 21.51 ? 304 LEU A N   1 
ATOM   87  C CA  . LEU A 1 16 ? -0.310  9.612   9.901   1.00 28.35 ? 304 LEU A CA  1 
ATOM   88  C C   . LEU A 1 16 ? 0.802   9.995   8.907   1.00 29.17 ? 304 LEU A C   1 
ATOM   89  O O   . LEU A 1 16 ? 0.869   11.120  8.420   1.00 22.78 ? 304 LEU A O   1 
ATOM   90  C CB  . LEU A 1 16 ? 0.192   9.545   11.355  1.00 28.84 ? 304 LEU A CB  1 
ATOM   91  C CG  . LEU A 1 16 ? 0.452   10.871  12.084  1.00 45.58 ? 304 LEU A CG  1 
ATOM   92  C CD1 . LEU A 1 16 ? -0.793  11.339  12.799  1.00 38.18 ? 304 LEU A CD1 1 
ATOM   93  C CD2 . LEU A 1 16 ? 1.645   10.774  13.054  1.00 42.79 ? 304 LEU A CD2 1 
ATOM   94  N N   . THR A 1 17 ? 1.649   9.032   8.570   1.00 23.64 ? 305 THR A N   1 
ATOM   95  C CA  . THR A 1 17 ? 2.688   9.266   7.584   1.00 28.09 ? 305 THR A CA  1 
ATOM   96  C C   . THR A 1 17 ? 2.089   9.645   6.208   1.00 21.94 ? 305 THR A C   1 
ATOM   97  O O   . THR A 1 17 ? 2.547   10.634  5.591   1.00 24.39 ? 305 THR A O   1 
ATOM   98  C CB  . THR A 1 17 ? 3.633   8.043   7.469   1.00 26.58 ? 305 THR A CB  1 
ATOM   99  O OG1 . THR A 1 17 ? 4.267   7.823   8.731   1.00 36.79 ? 305 THR A OG1 1 
ATOM   100 C CG2 . THR A 1 17 ? 4.706   8.281   6.413   1.00 36.94 ? 305 THR A CG2 1 
ATOM   101 N N   . LEU A 1 18 ? 1.066   8.903   5.758   1.00 14.78 ? 306 LEU A N   1 
ATOM   102 C CA  . LEU A 1 18 ? 0.524   9.079   4.406   1.00 16.32 ? 306 LEU A CA  1 
ATOM   103 C C   . LEU A 1 18 ? -0.057  10.466  4.307   1.00 18.42 ? 306 LEU A C   1 
ATOM   104 O O   . LEU A 1 18 ? 0.060   11.090  3.271   1.00 17.39 ? 306 LEU A O   1 
ATOM   105 C CB  . LEU A 1 18 ? -0.579  8.083   4.025   1.00 17.65 ? 306 LEU A CB  1 
ATOM   106 C CG  . LEU A 1 18 ? -0.301  6.699   3.468   1.00 28.33 ? 306 LEU A CG  1 
ATOM   107 C CD1 . LEU A 1 18 ? -1.656  6.085   3.018   1.00 22.38 ? 306 LEU A CD1 1 
ATOM   108 C CD2 . LEU A 1 18 ? 0.738   6.726   2.319   1.00 17.54 ? 306 LEU A CD2 1 
ATOM   109 N N   . ARG A 1 19 ? -0.703  10.948  5.380   1.00 16.55 ? 307 ARG A N   1 
ATOM   110 C CA  . ARG A 1 19 ? -1.311  12.288  5.324   1.00 15.23 ? 307 ARG A CA  1 
ATOM   111 C C   . ARG A 1 19 ? -0.261  13.429  5.181   1.00 20.85 ? 307 ARG A C   1 
ATOM   112 O O   . ARG A 1 19 ? -0.622  14.547  4.823   1.00 23.36 ? 307 ARG A O   1 
ATOM   113 C CB  . ARG A 1 19 ? -2.231  12.512  6.546   1.00 18.18 ? 307 ARG A CB  1 
ATOM   114 C CG  . ARG A 1 19 ? -3.508  11.717  6.499   1.00 21.22 ? 307 ARG A CG  1 
ATOM   115 C CD  . ARG A 1 19 ? -4.316  11.854  7.788   1.00 25.31 ? 307 ARG A CD  1 
ATOM   116 N NE  . ARG A 1 19 ? -5.349  10.840  7.919   1.00 28.45 ? 307 ARG A NE  1 
ATOM   117 C CZ  . ARG A 1 19 ? -6.538  10.871  7.334   1.00 32.38 ? 307 ARG A CZ  1 
ATOM   118 N NH1 . ARG A 1 19 ? -6.900  11.881  6.526   1.00 34.56 ? 307 ARG A NH1 1 
ATOM   119 N NH2 . ARG A 1 19 ? -7.376  9.877   7.567   1.00 26.26 ? 307 ARG A NH2 1 
ATOM   120 N N   . THR A 1 20 ? 1.021   13.145  5.440   1.00 16.37 ? 308 THR A N   1 
ATOM   121 C CA  . THR A 1 20 ? 2.100   14.099  5.144   1.00 15.19 ? 308 THR A CA  1 
ATOM   122 C C   . THR A 1 20 ? 2.593   14.053  3.683   1.00 21.75 ? 308 THR A C   1 
ATOM   123 O O   . THR A 1 20 ? 3.423   14.875  3.288   1.00 19.69 ? 308 THR A O   1 
ATOM   124 C CB  . THR A 1 20 ? 3.348   13.926  6.041   1.00 20.34 ? 308 THR A CB  1 
ATOM   125 O OG1 . THR A 1 20 ? 4.076   12.745  5.673   1.00 24.82 ? 308 THR A OG1 1 
ATOM   126 C CG2 . THR A 1 20 ? 2.963   13.845  7.496   1.00 30.96 ? 308 THR A CG2 1 
ATOM   127 N N   . LYS A 1 21 ? 2.088   13.117  2.888   1.00 19.26 ? 309 LYS A N   1 
ATOM   128 C CA  . LYS A 1 21 ? 2.653   12.898  1.541   1.00 21.22 ? 309 LYS A CA  1 
ATOM   129 C C   . LYS A 1 21 ? 1.614   12.839  0.458   1.00 19.67 ? 309 LYS A C   1 
ATOM   130 O O   . LYS A 1 21 ? 1.901   13.198  -0.680  1.00 22.45 ? 309 LYS A O   1 
ATOM   131 C CB  . LYS A 1 21 ? 3.503   11.616  1.476   1.00 20.76 ? 309 LYS A CB  1 
ATOM   132 C CG  . LYS A 1 21 ? 4.737   11.659  2.343   1.00 24.10 ? 309 LYS A CG  1 
ATOM   133 C CD  . LYS A 1 21 ? 5.745   12.705  1.872   1.00 28.05 ? 309 LYS A CD  1 
ATOM   134 C CE  . LYS A 1 21 ? 7.076   12.561  2.629   1.00 46.35 ? 309 LYS A CE  1 
ATOM   135 N NZ  . LYS A 1 21 ? 7.336   13.657  3.611   1.00 45.88 ? 309 LYS A NZ  1 
ATOM   136 N N   . LEU A 1 22 ? 0.428   12.347  0.807   1.00 14.79 ? 310 LEU A N   1 
ATOM   137 C CA  . LEU A 1 22 ? -0.704  12.269  -0.091  1.00 16.27 ? 310 LEU A CA  1 
ATOM   138 C C   . LEU A 1 22 ? -1.711  13.376  0.221   1.00 14.16 ? 310 LEU A C   1 
ATOM   139 O O   . LEU A 1 22 ? -1.877  13.757  1.365   1.00 18.06 ? 310 LEU A O   1 
ATOM   140 C CB  . LEU A 1 22 ? -1.428  10.930  0.068   1.00 14.96 ? 310 LEU A CB  1 
ATOM   141 C CG  . LEU A 1 22 ? -0.920  9.767   -0.798  1.00 21.89 ? 310 LEU A CG  1 
ATOM   142 C CD1 . LEU A 1 22 ? 0.578   9.665   -0.689  1.00 19.13 ? 310 LEU A CD1 1 
ATOM   143 C CD2 . LEU A 1 22 ? -1.572  8.449   -0.415  1.00 16.42 ? 310 LEU A CD2 1 
ATOM   144 N N   . SER A 1 23 ? -2.390  13.854  -0.813  1.00 18.30 ? 311 SER A N   1 
ATOM   145 C CA  . SER A 1 23 ? -3.406  14.894  -0.682  1.00 18.90 ? 311 SER A CA  1 
ATOM   146 C C   . SER A 1 23 ? -4.680  14.284  -0.176  1.00 20.08 ? 311 SER A C   1 
ATOM   147 O O   . SER A 1 23 ? -4.818  13.060  -0.101  1.00 16.24 ? 311 SER A O   1 
ATOM   148 C CB  . SER A 1 23 ? -3.724  15.496  -2.044  1.00 24.15 ? 311 SER A CB  1 
ATOM   149 O OG  . SER A 1 23 ? -4.344  14.550  -2.868  1.00 19.90 ? 311 SER A OG  1 
ATOM   150 N N   . SER A 1 24 ? -5.635  15.146  0.131   1.00 18.37 ? 312 SER A N   1 
ATOM   151 C CA  . SER A 1 24 ? -6.893  14.705  0.723   1.00 27.90 ? 312 SER A CA  1 
ATOM   152 C C   . SER A 1 24 ? -7.616  13.729  -0.205  1.00 20.84 ? 312 SER A C   1 
ATOM   153 O O   . SER A 1 24 ? -8.131  12.677  0.224   1.00 22.75 ? 312 SER A O   1 
ATOM   154 C CB  . SER A 1 24 ? -7.789  15.923  1.027   1.00 35.37 ? 312 SER A CB  1 
ATOM   155 O OG  . SER A 1 24 ? -9.060  15.501  1.487   1.00 38.30 ? 312 SER A OG  1 
ATOM   156 N N   . GLN A 1 25 ? -7.625  14.067  -1.485  1.00 21.05 ? 313 GLN A N   1 
ATOM   157 C CA  . GLN A 1 25 ? -8.203  13.174  -2.473  1.00 29.52 ? 313 GLN A CA  1 
ATOM   158 C C   . GLN A 1 25 ? -7.438  11.854  -2.585  1.00 30.11 ? 313 GLN A C   1 
ATOM   159 O O   . GLN A 1 25 ? -8.044  10.782  -2.738  1.00 26.59 ? 313 GLN A O   1 
ATOM   160 C CB  . GLN A 1 25 ? -8.280  13.804  -3.851  1.00 27.07 ? 313 GLN A CB  1 
ATOM   161 C CG  . GLN A 1 25 ? -9.211  12.985  -4.704  1.00 34.33 ? 313 GLN A CG  1 
ATOM   162 C CD  . GLN A 1 25 ? -9.267  13.406  -6.144  1.00 43.25 ? 313 GLN A CD  1 
ATOM   163 O OE1 . GLN A 1 25 ? -8.727  14.443  -6.530  1.00 50.58 ? 313 GLN A OE1 1 
ATOM   164 N NE2 . GLN A 1 25 ? -9.940  12.598  -6.960  1.00 48.89 ? 313 GLN A NE2 1 
ATOM   165 N N   . GLU A 1 26 ? -6.117  11.924  -2.507  1.00 18.48 ? 314 GLU A N   1 
ATOM   166 C CA  . GLU A 1 26 ? -5.316  10.683  -2.653  1.00 20.10 ? 314 GLU A CA  1 
ATOM   167 C C   . GLU A 1 26 ? -5.518  9.788   -1.456  1.00 20.22 ? 314 GLU A C   1 
ATOM   168 O O   . GLU A 1 26 ? -5.558  8.574   -1.585  1.00 18.04 ? 314 GLU A O   1 
ATOM   169 C CB  . GLU A 1 26 ? -3.834  10.988  -2.845  1.00 15.07 ? 314 GLU A CB  1 
ATOM   170 C CG  . GLU A 1 26 ? -3.560  11.547  -4.212  1.00 17.01 ? 314 GLU A CG  1 
ATOM   171 C CD  . GLU A 1 26 ? -2.139  12.093  -4.370  1.00 21.60 ? 314 GLU A CD  1 
ATOM   172 O OE1 . GLU A 1 26 ? -1.540  12.620  -3.405  1.00 20.11 ? 314 GLU A OE1 1 
ATOM   173 O OE2 . GLU A 1 26 ? -1.619  11.975  -5.488  1.00 21.77 ? 314 GLU A OE2 1 
ATOM   174 N N   . ILE A 1 27 ? -5.660  10.390  -0.279  1.00 19.18 ? 315 ILE A N   1 
ATOM   175 C CA  . ILE A 1 27 ? -5.868  9.623   0.943   1.00 18.57 ? 315 ILE A CA  1 
ATOM   176 C C   . ILE A 1 27 ? -7.205  8.887   0.841   1.00 23.03 ? 315 ILE A C   1 
ATOM   177 O O   . ILE A 1 27 ? -7.317  7.708   1.249   1.00 20.67 ? 315 ILE A O   1 
ATOM   178 C CB  . ILE A 1 27 ? -5.838  10.531  2.221   1.00 22.50 ? 315 ILE A CB  1 
ATOM   179 C CG1 . ILE A 1 27 ? -4.410  11.031  2.504   1.00 19.16 ? 315 ILE A CG1 1 
ATOM   180 C CG2 . ILE A 1 27 ? -6.382  9.776   3.439   1.00 26.63 ? 315 ILE A CG2 1 
ATOM   181 C CD1 . ILE A 1 27 ? -3.546  9.986   3.147   1.00 20.29 ? 315 ILE A CD1 1 
ATOM   182 N N   . GLN A 1 28 ? -8.222  9.549   0.282   1.00 24.98 ? 316 GLN A N   1 
ATOM   183 C CA  . GLN A 1 28 ? -9.469  8.797   0.156   1.00 27.13 ? 316 GLN A CA  1 
ATOM   184 C C   . GLN A 1 28 ? -9.427  7.753   -0.967  1.00 28.96 ? 316 GLN A C   1 
ATOM   185 O O   . GLN A 1 28 ? -10.064 6.713   -0.838  1.00 22.43 ? 316 GLN A O   1 
ATOM   186 C CB  . GLN A 1 28 ? -10.708 9.688   0.105   1.00 39.80 ? 316 GLN A CB  1 
ATOM   187 C CG  . GLN A 1 28 ? -10.995 10.456  1.436   1.00 32.19 ? 316 GLN A CG  1 
ATOM   188 C CD  . GLN A 1 28 ? -11.017 9.591   2.740   1.00 49.31 ? 316 GLN A CD  1 
ATOM   189 O OE1 . GLN A 1 28 ? -11.687 8.550   2.807   1.00 36.45 ? 316 GLN A OE1 1 
ATOM   190 N NE2 . GLN A 1 28 ? -10.307 10.061  3.789   1.00 29.86 ? 316 GLN A NE2 1 
ATOM   191 N N   . GLN A 1 29 ? -8.659  8.001   -2.035  1.00 24.04 ? 317 GLN A N   1 
ATOM   192 C CA  . GLN A 1 29 ? -8.381  6.938   -3.027  1.00 20.92 ? 317 GLN A CA  1 
ATOM   193 C C   . GLN A 1 29 ? -7.718  5.732   -2.375  1.00 19.20 ? 317 GLN A C   1 
ATOM   194 O O   . GLN A 1 29 ? -8.105  4.601   -2.641  1.00 23.37 ? 317 GLN A O   1 
ATOM   195 C CB  . GLN A 1 29 ? -7.540  7.464   -4.192  1.00 17.01 ? 317 GLN A CB  1 
ATOM   196 C CG  . GLN A 1 29 ? -8.378  8.434   -5.033  1.00 29.42 ? 317 GLN A CG  1 
ATOM   197 C CD  . GLN A 1 29 ? -7.559  9.239   -6.000  1.00 34.97 ? 317 GLN A CD  1 
ATOM   198 O OE1 . GLN A 1 29 ? -6.592  9.882   -5.616  1.00 39.58 ? 317 GLN A OE1 1 
ATOM   199 N NE2 . GLN A 1 29 ? -7.952  9.219   -7.271  1.00 48.47 ? 317 GLN A NE2 1 
ATOM   200 N N   . PHE A 1 30 ? -6.749  5.985   -1.502  1.00 13.13 ? 318 PHE A N   1 
ATOM   201 C CA  . PHE A 1 30 ? -6.058  4.938   -0.790  1.00 17.21 ? 318 PHE A CA  1 
ATOM   202 C C   . PHE A 1 30 ? -7.035  4.152   0.071   1.00 26.16 ? 318 PHE A C   1 
ATOM   203 O O   . PHE A 1 30 ? -7.030  2.926   0.074   1.00 18.13 ? 318 PHE A O   1 
ATOM   204 C CB  . PHE A 1 30 ? -4.946  5.487   0.124   1.00 15.87 ? 318 PHE A CB  1 
ATOM   205 C CG  . PHE A 1 30 ? -4.330  4.421   0.976   1.00 16.39 ? 318 PHE A CG  1 
ATOM   206 C CD1 . PHE A 1 30 ? -3.440  3.506   0.424   1.00 20.40 ? 318 PHE A CD1 1 
ATOM   207 C CD2 . PHE A 1 30 ? -4.672  4.282   2.320   1.00 18.84 ? 318 PHE A CD2 1 
ATOM   208 C CE1 . PHE A 1 30 ? -2.878  2.488   1.204   1.00 17.03 ? 318 PHE A CE1 1 
ATOM   209 C CE2 . PHE A 1 30 ? -4.116  3.264   3.096   1.00 22.07 ? 318 PHE A CE2 1 
ATOM   210 C CZ  . PHE A 1 30 ? -3.220  2.359   2.536   1.00 17.96 ? 318 PHE A CZ  1 
ATOM   211 N N   . ALA A 1 31 ? -7.877  4.871   0.802   1.00 19.34 ? 319 ALA A N   1 
ATOM   212 C CA  . ALA A 1 31 ? -8.861  4.246   1.664   1.00 23.36 ? 319 ALA A CA  1 
ATOM   213 C C   . ALA A 1 31 ? -9.743  3.320   0.855   1.00 20.41 ? 319 ALA A C   1 
ATOM   214 O O   . ALA A 1 31 ? -9.996  2.185   1.273   1.00 27.75 ? 319 ALA A O   1 
ATOM   215 C CB  . ALA A 1 31 ? -9.718  5.322   2.378   1.00 30.13 ? 319 ALA A CB  1 
ATOM   216 N N   . ALA A 1 32 ? -10.204 3.790   -0.310  1.00 18.98 ? 320 ALA A N   1 
ATOM   217 C CA  . ALA A 1 32 ? -11.090 2.998   -1.152  1.00 20.57 ? 320 ALA A CA  1 
ATOM   218 C C   . ALA A 1 32 ? -10.402 1.766   -1.740  1.00 30.08 ? 320 ALA A C   1 
ATOM   219 O O   . ALA A 1 32 ? -11.009 0.696   -1.861  1.00 21.11 ? 320 ALA A O   1 
ATOM   220 C CB  . ALA A 1 32 ? -11.637 3.848   -2.283  1.00 19.46 ? 320 ALA A CB  1 
ATOM   221 N N   . LEU A 1 33 ? -9.155  1.936   -2.165  1.00 22.08 ? 321 LEU A N   1 
ATOM   222 C CA  . LEU A 1 33 ? -8.343  0.767   -2.566  1.00 22.66 ? 321 LEU A CA  1 
ATOM   223 C C   . LEU A 1 33 ? -8.177  -0.272  -1.440  1.00 13.14 ? 321 LEU A C   1 
ATOM   224 O O   . LEU A 1 33 ? -8.331  -1.478  -1.674  1.00 20.15 ? 321 LEU A O   1 
ATOM   225 C CB  . LEU A 1 33 ? -6.956  1.214   -3.089  1.00 15.69 ? 321 LEU A CB  1 
ATOM   226 C CG  . LEU A 1 33 ? -6.896  2.066   -4.348  1.00 17.61 ? 321 LEU A CG  1 
ATOM   227 C CD1 . LEU A 1 33 ? -5.436  2.485   -4.642  1.00 17.34 ? 321 LEU A CD1 1 
ATOM   228 C CD2 . LEU A 1 33 ? -7.454  1.319   -5.548  1.00 27.61 ? 321 LEU A CD2 1 
ATOM   229 N N   . LEU A 1 34 ? -7.787  0.157   -0.246  1.00 19.20 ? 322 LEU A N   1 
ATOM   230 C CA  . LEU A 1 34 ? -7.555  -0.769  0.844   1.00 22.72 ? 322 LEU A CA  1 
ATOM   231 C C   . LEU A 1 34 ? -8.876  -1.462  1.155   1.00 33.23 ? 322 LEU A C   1 
ATOM   232 O O   . LEU A 1 34 ? -8.902  -2.647  1.486   1.00 26.89 ? 322 LEU A O   1 
ATOM   233 C CB  . LEU A 1 34 ? -6.981  -0.067  2.069   1.00 20.33 ? 322 LEU A CB  1 
ATOM   234 C CG  . LEU A 1 34 ? -6.671  -0.935  3.295   1.00 26.65 ? 322 LEU A CG  1 
ATOM   235 C CD1 . LEU A 1 34 ? -5.654  -2.075  2.976   1.00 25.18 ? 322 LEU A CD1 1 
ATOM   236 C CD2 . LEU A 1 34 ? -6.170  -0.053  4.437   1.00 25.82 ? 322 LEU A CD2 1 
ATOM   237 N N   . HIS A 1 35 ? -9.973  -0.729  0.971   1.00 27.23 ? 323 HIS A N   1 
ATOM   238 C CA  . HIS A 1 35 ? -11.314 -1.297  1.140   1.00 28.84 ? 323 HIS A CA  1 
ATOM   239 C C   . HIS A 1 35 ? -11.700 -2.359  0.097   1.00 24.87 ? 323 HIS A C   1 
ATOM   240 O O   . HIS A 1 35 ? -12.130 -3.440  0.488   1.00 32.27 ? 323 HIS A O   1 
ATOM   241 C CB  . HIS A 1 35 ? -12.396 -0.208  1.224   1.00 28.16 ? 323 HIS A CB  1 
ATOM   242 C CG  . HIS A 1 35 ? -13.734 -0.732  1.657   1.00 27.46 ? 323 HIS A CG  1 
ATOM   243 N ND1 . HIS A 1 35 ? -14.727 -1.068  0.761   1.00 37.75 ? 323 HIS A ND1 1 
ATOM   244 C CD2 . HIS A 1 35 ? -14.222 -1.023  2.886   1.00 35.36 ? 323 HIS A CD2 1 
ATOM   245 C CE1 . HIS A 1 35 ? -15.779 -1.523  1.420   1.00 32.41 ? 323 HIS A CE1 1 
ATOM   246 N NE2 . HIS A 1 35 ? -15.500 -1.495  2.713   1.00 38.48 ? 323 HIS A NE2 1 
ATOM   247 N N   . GLU A 1 36 ? -11.580 -2.063  -1.204  1.00 26.03 ? 324 GLU A N   1 
ATOM   248 C CA  . GLU A 1 36 ? -11.815 -3.063  -2.252  1.00 27.54 ? 324 GLU A CA  1 
ATOM   249 C C   . GLU A 1 36 ? -10.932 -4.287  -2.048  1.00 36.00 ? 324 GLU A C   1 
ATOM   250 O O   . GLU A 1 36 ? -11.353 -5.406  -2.322  1.00 27.57 ? 324 GLU A O   1 
ATOM   251 C CB  . GLU A 1 36 ? -11.462 -2.542  -3.637  1.00 24.10 ? 324 GLU A CB  1 
ATOM   252 C CG  . GLU A 1 36 ? -12.312 -1.434  -4.230  1.00 50.62 ? 324 GLU A CG  1 
ATOM   253 C CD  . GLU A 1 36 ? -11.861 -1.103  -5.659  1.00 68.68 ? 324 GLU A CD  1 
ATOM   254 O OE1 . GLU A 1 36 ? -11.623 -2.057  -6.440  1.00 81.83 ? 324 GLU A OE1 1 
ATOM   255 O OE2 . GLU A 1 36 ? -11.717 0.097   -5.995  1.00 63.41 ? 324 GLU A OE2 1 
ATOM   256 N N   . TYR A 1 37 ? -9.687  -4.075  -1.624  1.00 23.81 ? 325 TYR A N   1 
ATOM   257 C CA  . TYR A 1 37 ? -8.766  -5.206  -1.445  1.00 22.98 ? 325 TYR A CA  1 
ATOM   258 C C   . TYR A 1 37 ? -9.174  -6.076  -0.247  1.00 37.60 ? 325 TYR A C   1 
ATOM   259 O O   . TYR A 1 37 ? -9.151  -7.315  -0.316  1.00 22.50 ? 325 TYR A O   1 
ATOM   260 C CB  . TYR A 1 37 ? -7.323  -4.728  -1.289  1.00 26.30 ? 325 TYR A CB  1 
ATOM   261 C CG  . TYR A 1 37 ? -6.305  -5.829  -0.982  1.00 20.08 ? 325 TYR A CG  1 
ATOM   262 C CD1 . TYR A 1 37 ? -6.099  -6.892  -1.869  1.00 20.37 ? 325 TYR A CD1 1 
ATOM   263 C CD2 . TYR A 1 37 ? -5.529  -5.769  0.170   1.00 20.42 ? 325 TYR A CD2 1 
ATOM   264 C CE1 . TYR A 1 37 ? -5.142  -7.889  -1.583  1.00 17.83 ? 325 TYR A CE1 1 
ATOM   265 C CE2 . TYR A 1 37 ? -4.602  -6.739  0.465   1.00 22.95 ? 325 TYR A CE2 1 
ATOM   266 C CZ  . TYR A 1 37 ? -4.407  -7.797  -0.414  1.00 20.76 ? 325 TYR A CZ  1 
ATOM   267 O OH  . TYR A 1 37 ? -3.462  -8.744  -0.086  1.00 24.62 ? 325 TYR A OH  1 
ATOM   268 N N   . ARG A 1 38 ? -9.535  -5.430  0.858   1.00 24.99 ? 326 ARG A N   1 
ATOM   269 C CA  . ARG A 1 38 ? -9.911  -6.173  2.050   1.00 30.40 ? 326 ARG A CA  1 
ATOM   270 C C   . ARG A 1 38 ? -11.244 -6.892  1.794   1.00 31.36 ? 326 ARG A C   1 
ATOM   271 O O   . ARG A 1 38 ? -11.586 -7.827  2.504   1.00 38.16 ? 326 ARG A O   1 
ATOM   272 C CB  . ARG A 1 38 ? -9.919  -5.267  3.300   1.00 32.33 ? 326 ARG A CB  1 
ATOM   273 C CG  . ARG A 1 38 ? -8.545  -5.168  4.016   1.00 27.78 ? 326 ARG A CG  1 
ATOM   274 C CD  . ARG A 1 38 ? -8.445  -4.015  5.051   1.00 48.06 ? 326 ARG A CD  1 
ATOM   275 N NE  . ARG A 1 38 ? -7.202  -4.113  5.826   1.00 33.23 ? 326 ARG A NE  1 
ATOM   276 C CZ  . ARG A 1 38 ? -6.850  -3.329  6.845   1.00 41.46 ? 326 ARG A CZ  1 
ATOM   277 N NH1 . ARG A 1 38 ? -7.627  -2.326  7.250   1.00 34.99 ? 326 ARG A NH1 1 
ATOM   278 N NH2 . ARG A 1 38 ? -5.698  -3.556  7.459   1.00 33.23 ? 326 ARG A NH2 1 
ATOM   279 N N   . ASN A 1 39 ? -11.958 -6.493  0.737   1.00 28.44 ? 327 ASN A N   1 
ATOM   280 C CA  . ASN A 1 39 ? -13.206 -7.155  0.361   1.00 38.64 ? 327 ASN A CA  1 
ATOM   281 C C   . ASN A 1 39 ? -13.149 -8.094  -0.845  1.00 44.19 ? 327 ASN A C   1 
ATOM   282 O O   . ASN A 1 39 ? -14.177 -8.469  -1.407  1.00 42.20 ? 327 ASN A O   1 
ATOM   283 C CB  . ASN A 1 39 ? -14.329 -6.133  0.221   1.00 32.95 ? 327 ASN A CB  1 
ATOM   284 C CG  . ASN A 1 39 ? -14.783 -5.631  1.568   1.00 41.51 ? 327 ASN A CG  1 
ATOM   285 O OD1 . ASN A 1 39 ? -15.518 -6.315  2.273   1.00 36.20 ? 327 ASN A OD1 1 
ATOM   286 N ND2 . ASN A 1 39 ? -14.294 -4.467  1.964   1.00 38.04 ? 327 ASN A ND2 1 
ATOM   287 N N   . GLY A 1 40 ? -11.947 -8.489  -1.235  1.00 34.87 ? 328 GLY A N   1 
ATOM   288 C CA  . GLY A 1 40 ? -11.835 -9.559  -2.207  1.00 31.84 ? 328 GLY A CA  1 
ATOM   289 C C   . GLY A 1 40 ? -11.169 -9.219  -3.508  1.00 38.89 ? 328 GLY A C   1 
ATOM   290 O O   . GLY A 1 40 ? -10.914 -10.118 -4.304  1.00 43.17 ? 328 GLY A O   1 
ATOM   291 N N   . ALA A 1 41 ? -10.890 -7.940  -3.749  1.00 33.78 ? 329 ALA A N   1 
ATOM   292 C CA  . ALA A 1 41 ? -10.174 -7.558  -4.973  1.00 33.04 ? 329 ALA A CA  1 
ATOM   293 C C   . ALA A 1 41 ? -8.786  -8.198  -4.973  1.00 23.18 ? 329 ALA A C   1 
ATOM   294 O O   . ALA A 1 41 ? -8.233  -8.515  -3.922  1.00 22.97 ? 329 ALA A O   1 
ATOM   295 C CB  . ALA A 1 41 ? -10.076 -6.049  -5.104  1.00 41.29 ? 329 ALA A CB  1 
ATOM   296 N N   . SER A 1 42 ? -8.232  -8.427  -6.152  1.00 24.83 ? 330 SER A N   1 
ATOM   297 C CA  . SER A 1 42 ? -6.999  -9.182  -6.232  1.00 28.63 ? 330 SER A CA  1 
ATOM   298 C C   . SER A 1 42 ? -5.817  -8.343  -5.805  1.00 29.76 ? 330 SER A C   1 
ATOM   299 O O   . SER A 1 42 ? -5.801  -7.122  -5.994  1.00 24.52 ? 330 SER A O   1 
ATOM   300 C CB  . SER A 1 42 ? -6.759  -9.687  -7.648  1.00 35.94 ? 330 SER A CB  1 
ATOM   301 O OG  . SER A 1 42 ? -6.273  -8.641  -8.453  1.00 28.00 ? 330 SER A OG  1 
ATOM   302 N N   . ILE A 1 43 ? -4.808  -9.011  -5.262  1.00 20.18 ? 331 ILE A N   1 
ATOM   303 C CA  . ILE A 1 43 ? -3.555  -8.346  -4.904  1.00 23.25 ? 331 ILE A CA  1 
ATOM   304 C C   . ILE A 1 43 ? -2.879  -7.669  -6.139  1.00 21.35 ? 331 ILE A C   1 
ATOM   305 O O   . ILE A 1 43 ? -2.214  -6.644  -6.018  1.00 22.01 ? 331 ILE A O   1 
ATOM   306 C CB  . ILE A 1 43 ? -2.583  -9.335  -4.180  1.00 18.41 ? 331 ILE A CB  1 
ATOM   307 C CG1 . ILE A 1 43 ? -1.235  -8.679  -3.802  1.00 18.67 ? 331 ILE A CG1 1 
ATOM   308 C CG2 . ILE A 1 43 ? -2.326  -10.573 -5.023  1.00 23.84 ? 331 ILE A CG2 1 
ATOM   309 C CD1 . ILE A 1 43 ? -1.340  -7.528  -2.751  1.00 16.68 ? 331 ILE A CD1 1 
ATOM   310 N N   . HIS A 1 44 ? -3.018  -8.272  -7.312  1.00 25.87 ? 332 HIS A N   1 
ATOM   311 C CA  . HIS A 1 44 ? -2.394  -7.744  -8.520  1.00 22.53 ? 332 HIS A CA  1 
ATOM   312 C C   . HIS A 1 44 ? -2.962  -6.341  -8.802  1.00 19.52 ? 332 HIS A C   1 
ATOM   313 O O   . HIS A 1 44 ? -2.228  -5.363  -9.012  1.00 20.11 ? 332 HIS A O   1 
ATOM   314 C CB  . HIS A 1 44 ? -2.723  -8.678  -9.678  1.00 31.80 ? 332 HIS A CB  1 
ATOM   315 C CG  . HIS A 1 44 ? -2.285  -8.166  -11.011 1.00 51.16 ? 332 HIS A CG  1 
ATOM   316 N ND1 . HIS A 1 44 ? -3.157  -7.998  -12.067 1.00 59.01 ? 332 HIS A ND1 1 
ATOM   317 C CD2 . HIS A 1 44 ? -1.065  -7.781  -11.459 1.00 51.29 ? 332 HIS A CD2 1 
ATOM   318 C CE1 . HIS A 1 44 ? -2.491  -7.540  -13.113 1.00 56.83 ? 332 HIS A CE1 1 
ATOM   319 N NE2 . HIS A 1 44 ? -1.221  -7.405  -12.773 1.00 48.15 ? 332 HIS A NE2 1 
ATOM   320 N N   . GLU A 1 45 ? -4.285  -6.272  -8.760  1.00 19.04 ? 333 GLU A N   1 
ATOM   321 C CA  . GLU A 1 45 ? -5.027  -5.032  -8.979  1.00 28.14 ? 333 GLU A CA  1 
ATOM   322 C C   . GLU A 1 45 ? -4.690  -3.963  -7.925  1.00 20.54 ? 333 GLU A C   1 
ATOM   323 O O   . GLU A 1 45 ? -4.462  -2.789  -8.257  1.00 18.44 ? 333 GLU A O   1 
ATOM   324 C CB  . GLU A 1 45 ? -6.520  -5.363  -8.977  1.00 32.43 ? 333 GLU A CB  1 
ATOM   325 C CG  . GLU A 1 45 ? -7.456  -4.223  -9.238  1.00 38.54 ? 333 GLU A CG  1 
ATOM   326 C CD  . GLU A 1 45 ? -8.929  -4.627  -9.056  1.00 74.54 ? 333 GLU A CD  1 
ATOM   327 O OE1 . GLU A 1 45 ? -9.293  -5.798  -9.357  1.00 43.72 ? 333 GLU A OE1 1 
ATOM   328 O OE2 . GLU A 1 45 ? -9.723  -3.767  -8.602  1.00 64.37 ? 333 GLU A OE2 1 
ATOM   329 N N   . PHE A 1 46 ? -4.683  -4.382  -6.658  1.00 19.04 ? 334 PHE A N   1 
ATOM   330 C CA  . PHE A 1 46 ? -4.334  -3.516  -5.532  1.00 18.34 ? 334 PHE A CA  1 
ATOM   331 C C   . PHE A 1 46 ? -2.950  -2.908  -5.759  1.00 19.78 ? 334 PHE A C   1 
ATOM   332 O O   . PHE A 1 46 ? -2.773  -1.697  -5.649  1.00 15.50 ? 334 PHE A O   1 
ATOM   333 C CB  . PHE A 1 46 ? -4.377  -4.342  -4.235  1.00 17.89 ? 334 PHE A CB  1 
ATOM   334 C CG  . PHE A 1 46 ? -4.142  -3.556  -2.971  1.00 19.50 ? 334 PHE A CG  1 
ATOM   335 C CD1 . PHE A 1 46 ? -4.787  -2.344  -2.743  1.00 21.22 ? 334 PHE A CD1 1 
ATOM   336 C CD2 . PHE A 1 46 ? -3.355  -4.073  -1.968  1.00 15.80 ? 334 PHE A CD2 1 
ATOM   337 C CE1 . PHE A 1 46 ? -4.579  -1.661  -1.573  1.00 16.85 ? 334 PHE A CE1 1 
ATOM   338 C CE2 . PHE A 1 46 ? -3.168  -3.393  -0.795  1.00 18.19 ? 334 PHE A CE2 1 
ATOM   339 C CZ  . PHE A 1 46 ? -3.785  -2.179  -0.598  1.00 14.33 ? 334 PHE A CZ  1 
ATOM   340 N N   . CYS A 1 47 ? -1.974  -3.742  -6.124  1.00 13.90 ? 335 CYS A N   1 
ATOM   341 C CA  . CYS A 1 47 ? -0.586  -3.279  -6.307  1.00 14.52 ? 335 CYS A CA  1 
ATOM   342 C C   . CYS A 1 47 ? -0.430  -2.300  -7.460  1.00 14.43 ? 335 CYS A C   1 
ATOM   343 O O   . CYS A 1 47 ? 0.239   -1.280  -7.338  1.00 17.14 ? 335 CYS A O   1 
ATOM   344 C CB  . CYS A 1 47 ? 0.334   -4.486  -6.581  1.00 13.92 ? 335 CYS A CB  1 
ATOM   345 S SG  . CYS A 1 47 ? 0.627   -5.469  -5.089  1.00 19.14 ? 335 CYS A SG  1 
ATOM   346 N N   . ILE A 1 48 ? -1.024  -2.645  -8.592  1.00 17.74 ? 336 ILE A N   1 
ATOM   347 C CA  . ILE A 1 48 ? -0.933  -1.791  -9.762  1.00 15.71 ? 336 ILE A CA  1 
ATOM   348 C C   . ILE A 1 48 ? -1.601  -0.438  -9.477  1.00 17.34 ? 336 ILE A C   1 
ATOM   349 O O   . ILE A 1 48 ? -1.087  0.611   -9.867  1.00 16.08 ? 336 ILE A O   1 
ATOM   350 C CB  . ILE A 1 48 ? -1.581  -2.518  -10.946 1.00 17.20 ? 336 ILE A CB  1 
ATOM   351 C CG1 . ILE A 1 48 ? -0.534  -3.482  -11.519 1.00 23.68 ? 336 ILE A CG1 1 
ATOM   352 C CG2 . ILE A 1 48 ? -2.071  -1.548  -12.036 1.00 30.17 ? 336 ILE A CG2 1 
ATOM   353 C CD1 . ILE A 1 48 ? -1.079  -4.374  -12.546 1.00 36.02 ? 336 ILE A CD1 1 
ATOM   354 N N   . ASN A 1 49 ? -2.735  -0.472  -8.775  1.00 16.21 ? 337 ASN A N   1 
ATOM   355 C CA  . ASN A 1 49 ? -3.437  0.777   -8.455  1.00 15.69 ? 337 ASN A CA  1 
ATOM   356 C C   . ASN A 1 49 ? -2.681  1.645   -7.456  1.00 16.43 ? 337 ASN A C   1 
ATOM   357 O O   . ASN A 1 49 ? -2.649  2.877   -7.575  1.00 14.98 ? 337 ASN A O   1 
ATOM   358 C CB  . ASN A 1 49 ? -4.838  0.476   -7.934  1.00 14.90 ? 337 ASN A CB  1 
ATOM   359 C CG  . ASN A 1 49 ? -5.785  0.073   -9.044  1.00 28.52 ? 337 ASN A CG  1 
ATOM   360 O OD1 . ASN A 1 49 ? -5.565  0.391   -10.210 1.00 34.91 ? 337 ASN A OD1 1 
ATOM   361 N ND2 . ASN A 1 49 ? -6.840  -0.621  -8.687  1.00 29.60 ? 337 ASN A ND2 1 
ATOM   362 N N   . LEU A 1 50 ? -2.091  1.000   -6.458  1.00 15.13 ? 338 LEU A N   1 
ATOM   363 C CA  . LEU A 1 50 ? -1.240  1.695   -5.497  1.00 14.66 ? 338 LEU A CA  1 
ATOM   364 C C   . LEU A 1 50 ? -0.081  2.337   -6.213  1.00 17.11 ? 338 LEU A C   1 
ATOM   365 O O   . LEU A 1 50 ? 0.264   3.492   -5.952  1.00 13.92 ? 338 LEU A O   1 
ATOM   366 C CB  . LEU A 1 50 ? -0.689  0.698   -4.470  1.00 16.28 ? 338 LEU A CB  1 
ATOM   367 C CG  . LEU A 1 50 ? -1.697  0.197   -3.428  1.00 18.86 ? 338 LEU A CG  1 
ATOM   368 C CD1 . LEU A 1 50 ? -1.088  -1.000  -2.688  1.00 14.60 ? 338 LEU A CD1 1 
ATOM   369 C CD2 . LEU A 1 50 ? -2.037  1.301   -2.477  1.00 18.84 ? 338 LEU A CD2 1 
ATOM   370 N N   . ARG A 1 51 ? 0.556   1.584   -7.104  1.00 11.09 ? 339 ARG A N   1 
ATOM   371 C CA  . ARG A 1 51 ? 1.696   2.184   -7.811  1.00 15.79 ? 339 ARG A CA  1 
ATOM   372 C C   . ARG A 1 51 ? 1.276   3.427   -8.569  1.00 16.38 ? 339 ARG A C   1 
ATOM   373 O O   . ARG A 1 51 ? 1.956   4.459   -8.508  1.00 17.70 ? 339 ARG A O   1 
ATOM   374 C CB  . ARG A 1 51 ? 2.376   1.185   -8.763  1.00 12.37 ? 339 ARG A CB  1 
ATOM   375 C CG  . ARG A 1 51 ? 3.814   1.646   -9.085  1.00 17.57 ? 339 ARG A CG  1 
ATOM   376 C CD  . ARG A 1 51 ? 4.080   1.528   -10.536 1.00 28.50 ? 339 ARG A CD  1 
ATOM   377 N NE  . ARG A 1 51 ? 3.099   2.270   -11.317 1.00 23.80 ? 339 ARG A NE  1 
ATOM   378 C CZ  . ARG A 1 51 ? 3.274   3.528   -11.715 1.00 26.19 ? 339 ARG A CZ  1 
ATOM   379 N NH1 . ARG A 1 51 ? 4.397   4.162   -11.393 1.00 28.55 ? 339 ARG A NH1 1 
ATOM   380 N NH2 . ARG A 1 51 ? 2.319   4.151   -12.420 1.00 29.68 ? 339 ARG A NH2 1 
ATOM   381 N N   . GLN A 1 52 ? 0.150   3.333   -9.262  1.00 13.73 ? 340 GLN A N   1 
ATOM   382 C CA  . GLN A 1 52 ? -0.305  4.458   -10.037 1.00 18.79 ? 340 GLN A CA  1 
ATOM   383 C C   . GLN A 1 52 ? -0.600  5.654   -9.112  1.00 15.79 ? 340 GLN A C   1 
ATOM   384 O O   . GLN A 1 52 ? -0.224  6.794   -9.405  1.00 14.18 ? 340 GLN A O   1 
ATOM   385 C CB  . GLN A 1 52 ? -1.543  4.097   -10.858 1.00 18.57 ? 340 GLN A CB  1 
ATOM   386 C CG  . GLN A 1 52 ? -1.793  5.150   -11.940 1.00 38.05 ? 340 GLN A CG  1 
ATOM   387 C CD  . GLN A 1 52 ? -3.158  5.071   -12.569 1.00 54.55 ? 340 GLN A CD  1 
ATOM   388 O OE1 . GLN A 1 52 ? -3.797  4.020   -12.570 1.00 75.56 ? 340 GLN A OE1 1 
ATOM   389 N NE2 . GLN A 1 52 ? -3.623  6.194   -13.108 1.00 55.11 ? 340 GLN A NE2 1 
ATOM   390 N N   . LEU A 1 53 ? -1.228  5.375   -7.982  1.00 15.74 ? 341 LEU A N   1 
ATOM   391 C CA  . LEU A 1 53 ? -1.622  6.409   -7.011  1.00 14.40 ? 341 LEU A CA  1 
ATOM   392 C C   . LEU A 1 53 ? -0.397  7.112   -6.403  1.00 17.22 ? 341 LEU A C   1 
ATOM   393 O O   . LEU A 1 53 ? -0.293  8.337   -6.395  1.00 17.02 ? 341 LEU A O   1 
ATOM   394 C CB  . LEU A 1 53 ? -2.459  5.744   -5.900  1.00 11.74 ? 341 LEU A CB  1 
ATOM   395 C CG  . LEU A 1 53 ? -2.953  6.689   -4.792  1.00 19.15 ? 341 LEU A CG  1 
ATOM   396 C CD1 . LEU A 1 53 ? -3.877  7.740   -5.390  1.00 16.49 ? 341 LEU A CD1 1 
ATOM   397 C CD2 . LEU A 1 53 ? -3.665  5.834   -3.768  1.00 16.86 ? 341 LEU A CD2 1 
ATOM   398 N N   . TYR A 1 54 ? 0.544   6.323   -5.902  1.00 12.01 ? 342 TYR A N   1 
ATOM   399 C CA  . TYR A 1 54 ? 1.656   6.879   -5.206  1.00 12.99 ? 342 TYR A CA  1 
ATOM   400 C C   . TYR A 1 54 ? 2.591   7.510   -6.230  1.00 13.38 ? 342 TYR A C   1 
ATOM   401 O O   . TYR A 1 54 ? 3.241   8.493   -5.939  1.00 13.36 ? 342 TYR A O   1 
ATOM   402 C CB  . TYR A 1 54 ? 2.438   5.804   -4.452  1.00 17.47 ? 342 TYR A CB  1 
ATOM   403 C CG  . TYR A 1 54 ? 1.787   5.314   -3.138  1.00 23.84 ? 342 TYR A CG  1 
ATOM   404 C CD1 . TYR A 1 54 ? 0.419   5.135   -3.035  1.00 20.71 ? 342 TYR A CD1 1 
ATOM   405 C CD2 . TYR A 1 54 ? 2.568   5.023   -2.024  1.00 18.40 ? 342 TYR A CD2 1 
ATOM   406 C CE1 . TYR A 1 54 ? -0.169  4.678   -1.832  1.00 16.17 ? 342 TYR A CE1 1 
ATOM   407 C CE2 . TYR A 1 54 ? 1.999   4.567   -0.823  1.00 17.38 ? 342 TYR A CE2 1 
ATOM   408 C CZ  . TYR A 1 54 ? 0.635   4.377   -0.742  1.00 16.00 ? 342 TYR A CZ  1 
ATOM   409 O OH  . TYR A 1 54 ? 0.085   3.897   0.456   1.00 17.38 ? 342 TYR A OH  1 
ATOM   410 N N   . GLY A 1 55 ? 2.688   6.885   -7.390  1.00 16.93 ? 343 GLY A N   1 
ATOM   411 C CA  . GLY A 1 55 ? 3.598   7.348   -8.436  1.00 21.99 ? 343 GLY A CA  1 
ATOM   412 C C   . GLY A 1 55 ? 5.040   7.061   -8.068  1.00 19.23 ? 343 GLY A C   1 
ATOM   413 O O   . GLY A 1 55 ? 5.350   6.692   -6.936  1.00 17.85 ? 343 GLY A O   1 
ATOM   414 N N   . ASP A 1 56 ? 5.927   7.208   -9.055  1.00 22.45 ? 344 ASP A N   1 
ATOM   415 C CA  . ASP A 1 56 ? 7.351   6.902   -8.916  1.00 23.96 ? 344 ASP A CA  1 
ATOM   416 C C   . ASP A 1 56 ? 7.965   7.640   -7.728  1.00 22.86 ? 344 ASP A C   1 
ATOM   417 O O   . ASP A 1 56 ? 8.717   7.071   -6.931  1.00 22.94 ? 344 ASP A O   1 
ATOM   418 C CB  . ASP A 1 56 ? 8.111   7.279   -10.225 1.00 29.48 ? 344 ASP A CB  1 
ATOM   419 C CG  . ASP A 1 56 ? 7.659   6.442   -11.456 1.00 48.51 ? 344 ASP A CG  1 
ATOM   420 O OD1 . ASP A 1 56 ? 7.122   5.340   -11.236 1.00 40.36 ? 344 ASP A OD1 1 
ATOM   421 O OD2 . ASP A 1 56 ? 7.859   6.867   -12.636 1.00 47.73 ? 344 ASP A OD2 1 
ATOM   422 N N   . SER A 1 57 ? 7.596   8.905   -7.583  1.00 19.36 ? 345 SER A N   1 
ATOM   423 C CA  . SER A 1 57 ? 8.232   9.752   -6.593  1.00 26.73 ? 345 SER A CA  1 
ATOM   424 C C   . SER A 1 57 ? 7.883   9.381   -5.172  1.00 21.48 ? 345 SER A C   1 
ATOM   425 O O   . SER A 1 57 ? 8.606   9.750   -4.277  1.00 20.53 ? 345 SER A O   1 
ATOM   426 C CB  . SER A 1 57 ? 7.915   11.235  -6.829  1.00 33.73 ? 345 SER A CB  1 
ATOM   427 O OG  . SER A 1 57 ? 6.546   11.497  -6.624  1.00 33.92 ? 345 SER A OG  1 
ATOM   428 N N   . ARG A 1 58 ? 6.794   8.644   -4.950  1.00 15.15 ? 346 ARG A N   1 
ATOM   429 C CA  . ARG A 1 58 ? 6.481   8.235   -3.573  1.00 16.96 ? 346 ARG A CA  1 
ATOM   430 C C   . ARG A 1 58 ? 6.490   6.734   -3.390  1.00 19.84 ? 346 ARG A C   1 
ATOM   431 O O   . ARG A 1 58 ? 5.973   6.211   -2.378  1.00 16.81 ? 346 ARG A O   1 
ATOM   432 C CB  . ARG A 1 58 ? 5.158   8.845   -3.088  1.00 15.83 ? 346 ARG A CB  1 
ATOM   433 C CG  . ARG A 1 58 ? 5.149   10.369  -3.141  1.00 19.99 ? 346 ARG A CG  1 
ATOM   434 C CD  . ARG A 1 58 ? 3.761   10.896  -2.821  1.00 18.33 ? 346 ARG A CD  1 
ATOM   435 N NE  . ARG A 1 58 ? 2.846   10.554  -3.888  1.00 16.38 ? 346 ARG A NE  1 
ATOM   436 C CZ  . ARG A 1 58 ? 1.668   11.148  -4.068  1.00 12.64 ? 346 ARG A CZ  1 
ATOM   437 N NH1 . ARG A 1 58 ? 1.258   12.118  -3.247  1.00 16.68 ? 346 ARG A NH1 1 
ATOM   438 N NH2 . ARG A 1 58 ? 0.923   10.799  -5.084  1.00 13.35 ? 346 ARG A NH2 1 
ATOM   439 N N   . LYS A 1 59 ? 7.115   6.031   -4.335  1.00 17.60 ? 347 LYS A N   1 
ATOM   440 C CA  . LYS A 1 59 ? 6.958   4.596   -4.298  1.00 12.44 ? 347 LYS A CA  1 
ATOM   441 C C   . LYS A 1 59 ? 7.531   3.939   -3.039  1.00 12.58 ? 347 LYS A C   1 
ATOM   442 O O   . LYS A 1 59 ? 7.080   2.860   -2.633  1.00 15.33 ? 347 LYS A O   1 
ATOM   443 C CB  . LYS A 1 59 ? 7.557   3.953   -5.574  1.00 13.15 ? 347 LYS A CB  1 
ATOM   444 C CG  . LYS A 1 59 ? 9.065   4.086   -5.652  1.00 17.18 ? 347 LYS A CG  1 
ATOM   445 C CD  . LYS A 1 59 ? 9.564   3.524   -7.007  1.00 23.93 ? 347 LYS A CD  1 
ATOM   446 C CE  . LYS A 1 59 ? 11.073  3.433   -7.078  1.00 27.78 ? 347 LYS A CE  1 
ATOM   447 N NZ  . LYS A 1 59 ? 11.481  3.152   -8.500  1.00 25.24 ? 347 LYS A NZ  1 
ATOM   448 N N   . PHE A 1 60 ? 8.550   4.546   -2.418  1.00 15.52 ? 348 PHE A N   1 
ATOM   449 C CA  . PHE A 1 60 ? 9.126   3.913   -1.224  1.00 19.65 ? 348 PHE A CA  1 
ATOM   450 C C   . PHE A 1 60 ? 8.142   3.835   -0.030  1.00 23.03 ? 348 PHE A C   1 
ATOM   451 O O   . PHE A 1 60 ? 8.261   2.963   0.852   1.00 18.88 ? 348 PHE A O   1 
ATOM   452 C CB  . PHE A 1 60 ? 10.485  4.530   -0.858  1.00 24.06 ? 348 PHE A CB  1 
ATOM   453 C CG  . PHE A 1 60 ? 11.609  4.052   -1.771  1.00 30.91 ? 348 PHE A CG  1 
ATOM   454 C CD1 . PHE A 1 60 ? 11.889  4.719   -2.968  1.00 34.75 ? 348 PHE A CD1 1 
ATOM   455 C CD2 . PHE A 1 60 ? 12.338  2.904   -1.461  1.00 38.04 ? 348 PHE A CD2 1 
ATOM   456 C CE1 . PHE A 1 60 ? 12.883  4.270   -3.823  1.00 41.34 ? 348 PHE A CE1 1 
ATOM   457 C CE2 . PHE A 1 60 ? 13.334  2.449   -2.306  1.00 33.53 ? 348 PHE A CE2 1 
ATOM   458 C CZ  . PHE A 1 60 ? 13.605  3.126   -3.491  1.00 37.25 ? 348 PHE A CZ  1 
ATOM   459 N N   . LEU A 1 61 ? 7.124   4.689   -0.058  1.00 21.17 ? 349 LEU A N   1 
ATOM   460 C CA  . LEU A 1 61 ? 6.053   4.581   0.950   1.00 20.05 ? 349 LEU A CA  1 
ATOM   461 C C   . LEU A 1 61 ? 5.345   3.226   0.894   1.00 24.17 ? 349 LEU A C   1 
ATOM   462 O O   . LEU A 1 61 ? 4.732   2.805   1.875   1.00 20.61 ? 349 LEU A O   1 
ATOM   463 C CB  . LEU A 1 61 ? 5.028   5.711   0.803   1.00 16.42 ? 349 LEU A CB  1 
ATOM   464 C CG  . LEU A 1 61 ? 5.546   7.131   1.048   1.00 24.40 ? 349 LEU A CG  1 
ATOM   465 C CD1 . LEU A 1 61 ? 4.447   8.143   0.754   1.00 24.37 ? 349 LEU A CD1 1 
ATOM   466 C CD2 . LEU A 1 61 ? 6.039   7.313   2.489   1.00 32.25 ? 349 LEU A CD2 1 
ATOM   467 N N   . LEU A 1 62 ? 5.468   2.518   -0.233  1.00 19.63 ? 350 LEU A N   1 
ATOM   468 C CA  . LEU A 1 62 ? 4.801   1.224   -0.379  1.00 15.40 ? 350 LEU A CA  1 
ATOM   469 C C   . LEU A 1 62 ? 5.385   0.171   0.563   1.00 23.25 ? 350 LEU A C   1 
ATOM   470 O O   . LEU A 1 62 ? 4.684   -0.785  0.942   1.00 21.10 ? 350 LEU A O   1 
ATOM   471 C CB  . LEU A 1 62 ? 4.819   0.741   -1.853  1.00 16.09 ? 350 LEU A CB  1 
ATOM   472 C CG  . LEU A 1 62 ? 3.969   1.561   -2.842  1.00 19.19 ? 350 LEU A CG  1 
ATOM   473 C CD1 . LEU A 1 62 ? 4.308   1.258   -4.257  1.00 18.11 ? 350 LEU A CD1 1 
ATOM   474 C CD2 . LEU A 1 62 ? 2.476   1.299   -2.597  1.00 22.73 ? 350 LEU A CD2 1 
ATOM   475 N N   . LEU A 1 63 ? 6.643   0.368   0.993   1.00 21.47 ? 351 LEU A N   1 
ATOM   476 C CA  . LEU A 1 63 ? 7.242   -0.599  1.913   1.00 17.21 ? 351 LEU A CA  1 
ATOM   477 C C   . LEU A 1 63 ? 6.399   -0.659  3.182   1.00 23.72 ? 351 LEU A C   1 
ATOM   478 O O   . LEU A 1 63 ? 6.240   -1.722  3.795   1.00 23.70 ? 351 LEU A O   1 
ATOM   479 C CB  . LEU A 1 63 ? 8.691   -0.231  2.273   1.00 19.12 ? 351 LEU A CB  1 
ATOM   480 C CG  . LEU A 1 63 ? 9.706   -0.480  1.184   1.00 34.04 ? 351 LEU A CG  1 
ATOM   481 C CD1 . LEU A 1 63 ? 10.954  0.393   1.396   1.00 36.86 ? 351 LEU A CD1 1 
ATOM   482 C CD2 . LEU A 1 63 ? 10.053  -1.971  1.159   1.00 32.40 ? 351 LEU A CD2 1 
ATOM   483 N N   . GLY A 1 64 ? 5.812   0.487   3.529   1.00 20.93 ? 352 GLY A N   1 
ATOM   484 C CA  . GLY A 1 64 ? 5.084   0.589   4.782   1.00 21.30 ? 352 GLY A CA  1 
ATOM   485 C C   . GLY A 1 64 ? 3.800   -0.217  4.810   1.00 18.21 ? 352 GLY A C   1 
ATOM   486 O O   . GLY A 1 64 ? 3.180   -0.341  5.870   1.00 19.15 ? 352 GLY A O   1 
ATOM   487 N N   . LEU A 1 65 ? 3.384   -0.754  3.664   1.00 15.59 ? 353 LEU A N   1 
ATOM   488 C CA  . LEU A 1 65 ? 2.126   -1.493  3.637   1.00 17.60 ? 353 LEU A CA  1 
ATOM   489 C C   . LEU A 1 65 ? 2.342   -2.947  3.974   1.00 14.31 ? 353 LEU A C   1 
ATOM   490 O O   . LEU A 1 65 ? 1.366   -3.687  4.102   1.00 18.51 ? 353 LEU A O   1 
ATOM   491 C CB  . LEU A 1 65 ? 1.472   -1.433  2.267   1.00 17.05 ? 353 LEU A CB  1 
ATOM   492 C CG  . LEU A 1 65 ? 0.912   -0.105  1.826   1.00 23.10 ? 353 LEU A CG  1 
ATOM   493 C CD1 . LEU A 1 65 ? 0.589   -0.262  0.377   1.00 29.09 ? 353 LEU A CD1 1 
ATOM   494 C CD2 . LEU A 1 65 ? -0.339  0.121   2.583   1.00 30.75 ? 353 LEU A CD2 1 
ATOM   495 N N   . ARG A 1 66 ? 3.615   -3.352  4.076   1.00 20.56 ? 354 ARG A N   1 
ATOM   496 C CA  . ARG A 1 66 ? 3.901   -4.753  4.438   1.00 21.24 ? 354 ARG A CA  1 
ATOM   497 C C   . ARG A 1 66 ? 3.028   -5.371  5.518   1.00 24.01 ? 354 ARG A C   1 
ATOM   498 O O   . ARG A 1 66 ? 2.481   -6.452  5.311   1.00 20.86 ? 354 ARG A O   1 
ATOM   499 C CB  . ARG A 1 66 ? 5.354   -4.923  4.836   1.00 26.66 ? 354 ARG A CB  1 
ATOM   500 C CG  . ARG A 1 66 ? 6.255   -5.068  3.675   1.00 31.75 ? 354 ARG A CG  1 
ATOM   501 C CD  . ARG A 1 66 ? 7.474   -5.736  4.158   1.00 38.47 ? 354 ARG A CD  1 
ATOM   502 N NE  . ARG A 1 66 ? 8.352   -5.959  3.046   1.00 32.20 ? 354 ARG A NE  1 
ATOM   503 C CZ  . ARG A 1 66 ? 9.498   -5.333  2.882   1.00 27.01 ? 354 ARG A CZ  1 
ATOM   504 N NH1 . ARG A 1 66 ? 9.908   -4.456  3.783   1.00 31.39 ? 354 ARG A NH1 1 
ATOM   505 N NH2 . ARG A 1 66 ? 10.240  -5.602  1.823   1.00 26.40 ? 354 ARG A NH2 1 
ATOM   506 N N   . PRO A 1 67 ? 2.899   -4.700  6.687   1.00 23.36 ? 355 PRO A N   1 
ATOM   507 C CA  . PRO A 1 67 ? 2.113   -5.295  7.774   1.00 26.26 ? 355 PRO A CA  1 
ATOM   508 C C   . PRO A 1 67 ? 0.648   -5.525  7.460   1.00 25.73 ? 355 PRO A C   1 
ATOM   509 O O   . PRO A 1 67 ? 0.014   -6.213  8.245   1.00 24.72 ? 355 PRO A O   1 
ATOM   510 C CB  . PRO A 1 67 ? 2.184   -4.234  8.881   1.00 24.14 ? 355 PRO A CB  1 
ATOM   511 C CG  . PRO A 1 67 ? 3.376   -3.444  8.582   1.00 30.19 ? 355 PRO A CG  1 
ATOM   512 C CD  . PRO A 1 67 ? 3.485   -3.414  7.103   1.00 20.94 ? 355 PRO A CD  1 
ATOM   513 N N   . PHE A 1 68 ? 0.114   -4.966  6.377   1.00 17.04 ? 356 PHE A N   1 
ATOM   514 C CA  . PHE A 1 68 ? -1.319  -5.052  6.094   1.00 18.78 ? 356 PHE A CA  1 
ATOM   515 C C   . PHE A 1 68 ? -1.684  -6.006  4.977   1.00 20.26 ? 356 PHE A C   1 
ATOM   516 O O   . PHE A 1 68 ? -2.837  -6.109  4.588   1.00 17.49 ? 356 PHE A O   1 
ATOM   517 C CB  . PHE A 1 68 ? -1.874  -3.648  5.804   1.00 22.30 ? 356 PHE A CB  1 
ATOM   518 C CG  . PHE A 1 68 ? -1.280  -2.615  6.702   1.00 21.81 ? 356 PHE A CG  1 
ATOM   519 C CD1 . PHE A 1 68 ? -1.432  -2.730  8.073   1.00 28.91 ? 356 PHE A CD1 1 
ATOM   520 C CD2 . PHE A 1 68 ? -0.495  -1.602  6.206   1.00 23.39 ? 356 PHE A CD2 1 
ATOM   521 C CE1 . PHE A 1 68 ? -0.843  -1.818  8.936   1.00 21.39 ? 356 PHE A CE1 1 
ATOM   522 C CE2 . PHE A 1 68 ? 0.120   -0.701  7.061   1.00 19.00 ? 356 PHE A CE2 1 
ATOM   523 C CZ  . PHE A 1 68 ? -0.079  -0.814  8.437   1.00 22.63 ? 356 PHE A CZ  1 
ATOM   524 N N   . ILE A 1 69 ? -0.682  -6.697  4.456   1.00 20.42 ? 357 ILE A N   1 
ATOM   525 C CA  . ILE A 1 69 ? -0.897  -7.668  3.412   1.00 15.56 ? 357 ILE A CA  1 
ATOM   526 C C   . ILE A 1 69 ? -1.004  -9.065  4.048   1.00 11.50 ? 357 ILE A C   1 
ATOM   527 O O   . ILE A 1 69 ? -0.110  -9.477  4.776   1.00 19.58 ? 357 ILE A O   1 
ATOM   528 C CB  . ILE A 1 69 ? 0.330   -7.691  2.475   1.00 16.66 ? 357 ILE A CB  1 
ATOM   529 C CG1 . ILE A 1 69 ? 0.616   -6.270  1.980   1.00 12.84 ? 357 ILE A CG1 1 
ATOM   530 C CG2 . ILE A 1 69 ? 0.056   -8.671  1.322   1.00 15.64 ? 357 ILE A CG2 1 
ATOM   531 C CD1 . ILE A 1 69 ? -0.569  -5.652  1.264   1.00 15.87 ? 357 ILE A CD1 1 
ATOM   532 N N   . PRO A 1 70 ? -2.098  -9.770  3.774   1.00 16.26 ? 358 PRO A N   1 
ATOM   533 C CA  . PRO A 1 70 ? -2.281  -11.104 4.350   1.00 21.64 ? 358 PRO A CA  1 
ATOM   534 C C   . PRO A 1 70 ? -1.240  -12.075 3.808   1.00 24.07 ? 358 PRO A C   1 
ATOM   535 O O   . PRO A 1 70 ? -0.764  -11.917 2.690   1.00 18.26 ? 358 PRO A O   1 
ATOM   536 C CB  . PRO A 1 70 ? -3.681  -11.501 3.895   1.00 15.82 ? 358 PRO A CB  1 
ATOM   537 C CG  . PRO A 1 70 ? -4.113  -10.532 2.935   1.00 29.44 ? 358 PRO A CG  1 
ATOM   538 C CD  . PRO A 1 70 ? -3.303  -9.289  3.094   1.00 17.38 ? 358 PRO A CD  1 
ATOM   539 N N   . GLU A 1 71 ? -0.873  -13.050 4.621   1.00 20.42 ? 359 GLU A N   1 
ATOM   540 C CA  . GLU A 1 71 ? 0.177   -13.994 4.285   1.00 19.48 ? 359 GLU A CA  1 
ATOM   541 C C   . GLU A 1 71 ? 0.004   -14.626 2.913   1.00 17.54 ? 359 GLU A C   1 
ATOM   542 O O   . GLU A 1 71 ? 0.975   -14.757 2.172   1.00 23.36 ? 359 GLU A O   1 
ATOM   543 C CB  . GLU A 1 71 ? 0.256   -15.084 5.361   1.00 25.04 ? 359 GLU A CB  1 
ATOM   544 C CG  . GLU A 1 71 ? 1.567   -15.860 5.327   1.00 29.91 ? 359 GLU A CG  1 
ATOM   545 C CD  . GLU A 1 71 ? 1.568   -17.012 4.335   1.00 42.02 ? 359 GLU A CD  1 
ATOM   546 O OE1 . GLU A 1 71 ? 2.676   -17.403 3.903   1.00 46.69 ? 359 GLU A OE1 1 
ATOM   547 O OE2 . GLU A 1 71 ? 0.480   -17.527 3.987   1.00 29.78 ? 359 GLU A OE2 1 
ATOM   548 N N   . LYS A 1 72 ? -1.232  -14.966 2.564   1.00 15.14 ? 360 LYS A N   1 
ATOM   549 C CA  . LYS A 1 72 ? -1.564  -15.519 1.252   1.00 24.44 ? 360 LYS A CA  1 
ATOM   550 C C   . LYS A 1 72 ? -1.017  -14.687 0.075   1.00 31.75 ? 360 LYS A C   1 
ATOM   551 O O   . LYS A 1 72 ? -0.652  -15.240 -0.974  1.00 21.22 ? 360 LYS A O   1 
ATOM   552 C CB  . LYS A 1 72 ? -3.078  -15.631 1.094   1.00 28.06 ? 360 LYS A CB  1 
ATOM   553 C CG  . LYS A 1 72 ? -3.527  -16.314 -0.214  1.00 38.73 ? 360 LYS A CG  1 
ATOM   554 C CD  . LYS A 1 72 ? -5.048  -16.231 -0.407  1.00 58.41 ? 360 LYS A CD  1 
ATOM   555 C CE  . LYS A 1 72 ? -5.477  -14.854 -0.931  1.00 64.60 ? 360 LYS A CE  1 
ATOM   556 N NZ  . LYS A 1 72 ? -6.938  -14.541 -0.761  1.00 49.46 ? 360 LYS A NZ  1 
ATOM   557 N N   . ASP A 1 73 ? -0.968  -13.364 0.244   1.00 18.47 ? 361 ASP A N   1 
ATOM   558 C CA  . ASP A 1 73 ? -0.556  -12.477 -0.849  1.00 16.94 ? 361 ASP A CA  1 
ATOM   559 C C   . ASP A 1 73 ? 0.853   -11.931 -0.639  1.00 15.77 ? 361 ASP A C   1 
ATOM   560 O O   . ASP A 1 73 ? 1.363   -11.128 -1.444  1.00 20.37 ? 361 ASP A O   1 
ATOM   561 C CB  . ASP A 1 73 ? -1.563  -11.312 -1.037  1.00 16.44 ? 361 ASP A CB  1 
ATOM   562 C CG  . ASP A 1 73 ? -2.953  -11.779 -1.501  1.00 28.12 ? 361 ASP A CG  1 
ATOM   563 O OD1 . ASP A 1 73 ? -3.057  -12.797 -2.214  1.00 32.33 ? 361 ASP A OD1 1 
ATOM   564 O OD2 . ASP A 1 73 ? -3.957  -11.118 -1.163  1.00 23.05 ? 361 ASP A OD2 1 
ATOM   565 N N   . SER A 1 74 ? 1.518   -12.395 0.406   1.00 19.38 ? 362 SER A N   1 
ATOM   566 C CA  . SER A 1 74 ? 2.812   -11.802 0.746   1.00 15.91 ? 362 SER A CA  1 
ATOM   567 C C   . SER A 1 74 ? 3.849   -11.952 -0.398  1.00 24.12 ? 362 SER A C   1 
ATOM   568 O O   . SER A 1 74 ? 4.583   -11.005 -0.725  1.00 21.50 ? 362 SER A O   1 
ATOM   569 C CB  . SER A 1 74 ? 3.381   -12.457 1.999   1.00 19.17 ? 362 SER A CB  1 
ATOM   570 O OG  . SER A 1 74 ? 4.657   -11.926 2.264   1.00 28.39 ? 362 SER A OG  1 
ATOM   571 N N   . GLN A 1 75 ? 3.909   -13.139 -0.995  1.00 21.09 ? 363 GLN A N   1 
ATOM   572 C CA  . GLN A 1 75 ? 4.911   -13.357 -2.045  1.00 25.87 ? 363 GLN A CA  1 
ATOM   573 C C   . GLN A 1 75 ? 4.626   -12.435 -3.227  1.00 17.66 ? 363 GLN A C   1 
ATOM   574 O O   . GLN A 1 75 ? 5.550   -11.781 -3.742  1.00 21.88 ? 363 GLN A O   1 
ATOM   575 C CB  . GLN A 1 75 ? 4.977   -14.819 -2.513  1.00 23.70 ? 363 GLN A CB  1 
ATOM   576 C CG  . GLN A 1 75 ? 6.245   -15.078 -3.372  1.00 39.79 ? 363 GLN A CG  1 
ATOM   577 C CD  . GLN A 1 75 ? 7.535   -14.489 -2.744  1.00 52.47 ? 363 GLN A CD  1 
ATOM   578 O OE1 . GLN A 1 75 ? 8.254   -13.687 -3.372  1.00 46.08 ? 363 GLN A OE1 1 
ATOM   579 N NE2 . GLN A 1 75 ? 7.827   -14.889 -1.502  1.00 59.22 ? 363 GLN A NE2 1 
ATOM   580 N N   . HIS A 1 76 ? 3.351   -12.327 -3.592  1.00 17.95 ? 364 HIS A N   1 
ATOM   581 C CA  . HIS A 1 76 ? 3.023   -11.481 -4.740  1.00 22.64 ? 364 HIS A CA  1 
ATOM   582 C C   . HIS A 1 76 ? 3.460   -10.064 -4.427  1.00 22.13 ? 364 HIS A C   1 
ATOM   583 O O   . HIS A 1 76 ? 4.161   -9.409  -5.234  1.00 18.37 ? 364 HIS A O   1 
ATOM   584 C CB  . HIS A 1 76 ? 1.539   -11.568 -5.090  1.00 20.45 ? 364 HIS A CB  1 
ATOM   585 C CG  . HIS A 1 76 ? 1.157   -10.799 -6.323  1.00 40.62 ? 364 HIS A CG  1 
ATOM   586 N ND1 . HIS A 1 76 ? 0.618   -11.405 -7.442  1.00 33.95 ? 364 HIS A ND1 1 
ATOM   587 C CD2 . HIS A 1 76 ? 1.219   -9.475  -6.610  1.00 26.19 ? 364 HIS A CD2 1 
ATOM   588 C CE1 . HIS A 1 76 ? 0.364   -10.487 -8.360  1.00 31.14 ? 364 HIS A CE1 1 
ATOM   589 N NE2 . HIS A 1 76 ? 0.723   -9.308  -7.881  1.00 33.93 ? 364 HIS A NE2 1 
ATOM   590 N N   . PHE A 1 77 ? 3.138   -9.615  -3.212  1.00 18.58 ? 365 PHE A N   1 
ATOM   591 C CA  . PHE A 1 77 ? 3.475   -8.241  -2.863  1.00 16.29 ? 365 PHE A CA  1 
ATOM   592 C C   . PHE A 1 77 ? 4.977   -7.999  -2.859  1.00 18.53 ? 365 PHE A C   1 
ATOM   593 O O   . PHE A 1 77 ? 5.432   -6.970  -3.377  1.00 15.65 ? 365 PHE A O   1 
ATOM   594 C CB  . PHE A 1 77 ? 2.885   -7.869  -1.483  1.00 17.38 ? 365 PHE A CB  1 
ATOM   595 C CG  . PHE A 1 77 ? 3.115   -6.437  -1.095  1.00 21.09 ? 365 PHE A CG  1 
ATOM   596 C CD1 . PHE A 1 77 ? 2.406   -5.421  -1.720  1.00 24.07 ? 365 PHE A CD1 1 
ATOM   597 C CD2 . PHE A 1 77 ? 4.024   -6.107  -0.094  1.00 22.75 ? 365 PHE A CD2 1 
ATOM   598 C CE1 . PHE A 1 77 ? 2.590   -4.090  -1.357  1.00 15.61 ? 365 PHE A CE1 1 
ATOM   599 C CE2 . PHE A 1 77 ? 4.213   -4.781  0.277   1.00 17.25 ? 365 PHE A CE2 1 
ATOM   600 C CZ  . PHE A 1 77 ? 3.503   -3.783  -0.368  1.00 18.07 ? 365 PHE A CZ  1 
ATOM   601 N N   . GLU A 1 78 ? 5.760   -8.945  -2.317  1.00 15.75 ? 366 GLU A N   1 
ATOM   602 C CA  . GLU A 1 78 ? 7.196   -8.734  -2.260  1.00 16.77 ? 366 GLU A CA  1 
ATOM   603 C C   . GLU A 1 78 ? 7.753   -8.691  -3.694  1.00 15.88 ? 366 GLU A C   1 
ATOM   604 O O   . GLU A 1 78 ? 8.661   -7.909  -4.000  1.00 16.19 ? 366 GLU A O   1 
ATOM   605 C CB  . GLU A 1 78 ? 7.900   -9.835  -1.451  1.00 23.14 ? 366 GLU A CB  1 
ATOM   606 C CG  . GLU A 1 78 ? 7.644   -9.735  0.066   1.00 23.70 ? 366 GLU A CG  1 
ATOM   607 C CD  . GLU A 1 78 ? 8.066   -8.380  0.631   1.00 28.68 ? 366 GLU A CD  1 
ATOM   608 O OE1 . GLU A 1 78 ? 9.066   -7.811  0.135   1.00 28.11 ? 366 GLU A OE1 1 
ATOM   609 O OE2 . GLU A 1 78 ? 7.411   -7.869  1.578   1.00 25.22 ? 366 GLU A OE2 1 
ATOM   610 N N   . ASN A 1 79 ? 7.182   -9.511  -4.561  1.00 18.83 ? 367 ASN A N   1 
ATOM   611 C CA  . ASN A 1 79 ? 7.668   -9.530  -5.945  1.00 23.16 ? 367 ASN A CA  1 
ATOM   612 C C   . ASN A 1 79 ? 7.349   -8.220  -6.642  1.00 24.08 ? 367 ASN A C   1 
ATOM   613 O O   . ASN A 1 79 ? 8.185   -7.665  -7.367  1.00 16.51 ? 367 ASN A O   1 
ATOM   614 C CB  . ASN A 1 79 ? 7.070   -10.697 -6.661  1.00 20.23 ? 367 ASN A CB  1 
ATOM   615 C CG  . ASN A 1 79 ? 7.683   -11.991 -6.198  1.00 44.87 ? 367 ASN A CG  1 
ATOM   616 O OD1 . ASN A 1 79 ? 8.781   -11.986 -5.632  1.00 46.65 ? 367 ASN A OD1 1 
ATOM   617 N ND2 . ASN A 1 79 ? 6.989   -13.097 -6.411  1.00 37.45 ? 367 ASN A ND2 1 
ATOM   618 N N   . PHE A 1 80 ? 6.168   -7.686  -6.323  1.00 16.40 ? 368 PHE A N   1 
ATOM   619 C CA  . PHE A 1 80 ? 5.758   -6.375  -6.828  1.00 18.18 ? 368 PHE A CA  1 
ATOM   620 C C   . PHE A 1 80 ? 6.770   -5.316  -6.398  1.00 16.28 ? 368 PHE A C   1 
ATOM   621 O O   . PHE A 1 80 ? 7.235   -4.504  -7.216  1.00 17.67 ? 368 PHE A O   1 
ATOM   622 C CB  . PHE A 1 80 ? 4.333   -6.077  -6.323  1.00 15.37 ? 368 PHE A CB  1 
ATOM   623 C CG  . PHE A 1 80 ? 3.953   -4.636  -6.377  1.00 14.46 ? 368 PHE A CG  1 
ATOM   624 C CD1 . PHE A 1 80 ? 3.750   -3.994  -7.591  1.00 16.01 ? 368 PHE A CD1 1 
ATOM   625 C CD2 . PHE A 1 80 ? 3.797   -3.922  -5.206  1.00 19.09 ? 368 PHE A CD2 1 
ATOM   626 C CE1 . PHE A 1 80 ? 3.376   -2.632  -7.621  1.00 15.66 ? 368 PHE A CE1 1 
ATOM   627 C CE2 . PHE A 1 80 ? 3.415   -2.560  -5.216  1.00 18.15 ? 368 PHE A CE2 1 
ATOM   628 C CZ  . PHE A 1 80 ? 3.199   -1.916  -6.424  1.00 13.76 ? 368 PHE A CZ  1 
ATOM   629 N N   . LEU A 1 81 ? 7.209   -5.379  -5.137  1.00 15.69 ? 369 LEU A N   1 
ATOM   630 C CA  . LEU A 1 81 ? 8.054   -4.339  -4.627  1.00 13.57 ? 369 LEU A CA  1 
ATOM   631 C C   . LEU A 1 81 ? 9.389   -4.432  -5.341  1.00 17.03 ? 369 LEU A C   1 
ATOM   632 O O   . LEU A 1 81 ? 10.030  -3.418  -5.579  1.00 18.74 ? 369 LEU A O   1 
ATOM   633 C CB  . LEU A 1 81 ? 8.295   -4.508  -3.129  1.00 16.13 ? 369 LEU A CB  1 
ATOM   634 C CG  . LEU A 1 81 ? 7.108   -4.198  -2.188  1.00 14.21 ? 369 LEU A CG  1 
ATOM   635 C CD1 . LEU A 1 81 ? 7.552   -4.374  -0.752  1.00 16.50 ? 369 LEU A CD1 1 
ATOM   636 C CD2 . LEU A 1 81 ? 6.535   -2.755  -2.430  1.00 13.85 ? 369 LEU A CD2 1 
ATOM   637 N N   . GLU A 1 82 ? 9.812   -5.664  -5.618  1.00 17.02 ? 370 GLU A N   1 
ATOM   638 C CA  . GLU A 1 82 ? 11.095  -5.878  -6.260  1.00 20.49 ? 370 GLU A CA  1 
ATOM   639 C C   . GLU A 1 82 ? 11.010  -5.317  -7.693  1.00 18.70 ? 370 GLU A C   1 
ATOM   640 O O   . GLU A 1 82 ? 11.906  -4.609  -8.171  1.00 22.01 ? 370 GLU A O   1 
ATOM   641 C CB  . GLU A 1 82 ? 11.390  -7.375  -6.273  1.00 19.78 ? 370 GLU A CB  1 
ATOM   642 C CG  . GLU A 1 82 ? 12.660  -7.720  -6.975  1.00 32.68 ? 370 GLU A CG  1 
ATOM   643 C CD  . GLU A 1 82 ? 12.957  -9.216  -6.933  1.00 49.65 ? 370 GLU A CD  1 
ATOM   644 O OE1 . GLU A 1 82 ? 14.154  -9.570  -6.928  1.00 75.09 ? 370 GLU A OE1 1 
ATOM   645 O OE2 . GLU A 1 82 ? 12.004  -10.030 -6.908  1.00 47.77 ? 370 GLU A OE2 1 
ATOM   646 N N   . THR A 1 83 ? 9.884   -5.581  -8.342  1.00 20.91 ? 371 THR A N   1 
ATOM   647 C CA  . THR A 1 83 ? 9.718   -5.207  -9.743  1.00 20.73 ? 371 THR A CA  1 
ATOM   648 C C   . THR A 1 83 ? 9.741   -3.701  -9.968  1.00 22.67 ? 371 THR A C   1 
ATOM   649 O O   . THR A 1 83 ? 10.321  -3.210  -10.929 1.00 20.64 ? 371 THR A O   1 
ATOM   650 C CB  . THR A 1 83 ? 8.432   -5.813  -10.278 1.00 16.86 ? 371 THR A CB  1 
ATOM   651 O OG1 . THR A 1 83 ? 8.548   -7.239  -10.231 1.00 16.97 ? 371 THR A OG1 1 
ATOM   652 C CG2 . THR A 1 83 ? 8.125   -5.355  -11.724 1.00 23.12 ? 371 THR A CG2 1 
ATOM   653 N N   . ILE A 1 84 ? 9.127   -2.947  -9.073  1.00 16.70 ? 372 ILE A N   1 
ATOM   654 C CA  . ILE A 1 84 ? 9.100   -1.508  -9.266  1.00 16.80 ? 372 ILE A CA  1 
ATOM   655 C C   . ILE A 1 84 ? 10.338  -0.831  -8.698  1.00 16.90 ? 372 ILE A C   1 
ATOM   656 O O   . ILE A 1 84 ? 10.465  0.376   -8.777  1.00 19.43 ? 372 ILE A O   1 
ATOM   657 C CB  . ILE A 1 84 ? 7.818   -0.873  -8.680  1.00 19.06 ? 372 ILE A CB  1 
ATOM   658 C CG1 . ILE A 1 84 ? 7.825   -1.023  -7.164  1.00 15.84 ? 372 ILE A CG1 1 
ATOM   659 C CG2 . ILE A 1 84 ? 6.568   -1.531  -9.295  1.00 22.64 ? 372 ILE A CG2 1 
ATOM   660 C CD1 . ILE A 1 84 ? 6.591   -0.370  -6.471  1.00 18.77 ? 372 ILE A CD1 1 
ATOM   661 N N   . GLY A 1 85 ? 11.241  -1.597  -8.095  1.00 20.85 ? 373 GLY A N   1 
ATOM   662 C CA  . GLY A 1 85 ? 12.490  -1.019  -7.642  1.00 24.10 ? 373 GLY A CA  1 
ATOM   663 C C   . GLY A 1 85 ? 12.524  -0.417  -6.239  1.00 24.87 ? 373 GLY A C   1 
ATOM   664 O O   . GLY A 1 85 ? 13.347  0.448   -5.962  1.00 23.83 ? 373 GLY A O   1 
ATOM   665 N N   . VAL A 1 86 ? 11.652  -0.852  -5.340  1.00 18.61 ? 374 VAL A N   1 
ATOM   666 C CA  . VAL A 1 86 ? 11.803  -0.375  -3.958  1.00 26.52 ? 374 VAL A CA  1 
ATOM   667 C C   . VAL A 1 86 ? 12.584  -1.391  -3.124  1.00 33.07 ? 374 VAL A C   1 
ATOM   668 O O   . VAL A 1 86 ? 12.796  -1.195  -1.942  1.00 37.19 ? 374 VAL A O   1 
ATOM   669 C CB  . VAL A 1 86 ? 10.462  -0.042  -3.301  1.00 29.36 ? 374 VAL A CB  1 
ATOM   670 C CG1 . VAL A 1 86 ? 9.649   0.892   -4.198  1.00 25.57 ? 374 VAL A CG1 1 
ATOM   671 C CG2 . VAL A 1 86 ? 9.721   -1.267  -3.072  1.00 27.77 ? 374 VAL A CG2 1 
ATOM   672 N N   . LYS A 1 87 ? 13.035  -2.469  -3.758  1.00 37.86 ? 375 LYS A N   1 
ATOM   673 C CA  . LYS A 1 87 ? 13.924  -3.424  -3.093  1.00 44.78 ? 375 LYS A CA  1 
ATOM   674 C C   . LYS A 1 87 ? 15.289  -3.544  -3.772  1.00 54.20 ? 375 LYS A C   1 
ATOM   675 O O   . LYS A 1 87 ? 15.939  -4.584  -3.674  1.00 65.66 ? 375 LYS A O   1 
ATOM   676 C CB  . LYS A 1 87 ? 13.273  -4.819  -3.023  1.00 52.68 ? 375 LYS A CB  1 
ATOM   677 C CG  . LYS A 1 87 ? 11.861  -4.829  -2.438  1.00 43.99 ? 375 LYS A CG  1 
ATOM   678 C CD  . LYS A 1 87 ? 11.622  -5.999  -1.488  1.00 40.09 ? 375 LYS A CD  1 
ATOM   679 C CE  . LYS A 1 87 ? 11.311  -7.292  -2.206  1.00 32.86 ? 375 LYS A CE  1 
ATOM   680 N NZ  . LYS A 1 87 ? 11.123  -8.430  -1.243  1.00 35.91 ? 375 LYS A NZ  1 
ATOM   681 N N   . ASP A 1 88 ? 15.722  -2.488  -4.453  1.00 56.66 ? 376 ASP A N   1 
ATOM   682 C CA  . ASP A 1 88 ? 16.936  -2.527  -5.286  1.00 57.38 ? 376 ASP A CA  1 
ATOM   683 C C   . ASP A 1 88 ? 18.253  -2.718  -4.503  1.00 60.56 ? 376 ASP A C   1 
ATOM   684 O O   . ASP A 1 88 ? 18.675  -1.853  -3.728  1.00 53.23 ? 376 ASP A O   1 
ATOM   685 C CB  . ASP A 1 88 ? 17.011  -1.271  -6.180  1.00 48.67 ? 376 ASP A CB  1 
ATOM   686 C CG  . ASP A 1 88 ? 16.319  -1.458  -7.537  1.00 56.80 ? 376 ASP A CG  1 
ATOM   687 O OD1 . ASP A 1 88 ? 15.582  -2.462  -7.724  1.00 64.30 ? 376 ASP A OD1 1 
ATOM   688 O OD2 . ASP A 1 88 ? 16.508  -0.587  -8.423  1.00 55.33 ? 376 ASP A OD2 1 
HETATM 689 O O   . HOH B 2 .  ? -7.005  -12.825 0.871   1.00 43.98 ? 401 HOH A O   1 
HETATM 690 O O   . HOH B 2 .  ? -10.631 -9.022  4.327   1.00 42.66 ? 402 HOH A O   1 
HETATM 691 O O   . HOH B 2 .  ? -0.185  -18.831 2.075   1.00 40.25 ? 403 HOH A O   1 
HETATM 692 O O   . HOH B 2 .  ? 6.661   3.460   -9.762  1.00 34.07 ? 404 HOH A O   1 
HETATM 693 O O   . HOH B 2 .  ? -3.180  -1.860  19.371  1.00 42.00 ? 405 HOH A O   1 
HETATM 694 O O   . HOH B 2 .  ? -5.145  -5.813  5.700   1.00 35.56 ? 406 HOH A O   1 
HETATM 695 O O   . HOH B 2 .  ? -4.381  14.895  -5.460  1.00 25.67 ? 407 HOH A O   1 
HETATM 696 O O   . HOH B 2 .  ? -2.121  10.269  -7.466  1.00 21.92 ? 408 HOH A O   1 
HETATM 697 O O   . HOH B 2 .  ? 3.722   -8.768  4.873   1.00 23.95 ? 409 HOH A O   1 
HETATM 698 O O   . HOH B 2 .  ? 0.997   1.045   -12.403 1.00 36.59 ? 410 HOH A O   1 
HETATM 699 O O   . HOH B 2 .  ? -2.354  -7.033  9.165   1.00 34.37 ? 411 HOH A O   1 
HETATM 700 O O   . HOH B 2 .  ? -10.951 2.652   -5.810  1.00 39.10 ? 412 HOH A O   1 
HETATM 701 O O   . HOH B 2 .  ? 2.159   -10.894 4.834   1.00 26.12 ? 413 HOH A O   1 
HETATM 702 O O   . HOH B 2 .  ? 1.439   7.657   -11.369 1.00 26.58 ? 414 HOH A O   1 
HETATM 703 O O   . HOH B 2 .  ? 0.887   -6.986  -9.324  1.00 38.12 ? 415 HOH A O   1 
HETATM 704 O O   . HOH B 2 .  ? 3.426   10.826  -7.375  1.00 30.65 ? 416 HOH A O   1 
HETATM 705 O O   . HOH B 2 .  ? 3.719   15.042  -1.608  1.00 38.09 ? 417 HOH A O   1 
HETATM 706 O O   . HOH B 2 .  ? -4.256  -5.479  8.797   1.00 34.49 ? 418 HOH A O   1 
HETATM 707 O O   . HOH B 2 .  ? -8.106  -3.164  14.366  1.00 32.78 ? 419 HOH A O   1 
HETATM 708 O O   . HOH B 2 .  ? -0.127  13.647  9.315   1.00 26.44 ? 420 HOH A O   1 
HETATM 709 O O   . HOH B 2 .  ? -4.070  -5.344  15.436  1.00 26.77 ? 421 HOH A O   1 
HETATM 710 O O   . HOH B 2 .  ? -4.794  10.469  -7.803  1.00 38.93 ? 422 HOH A O   1 
HETATM 711 O O   . HOH B 2 .  ? -4.312  9.873   10.449  1.00 34.00 ? 423 HOH A O   1 
HETATM 712 O O   . HOH B 2 .  ? 14.278  2.751   -7.739  1.00 32.60 ? 424 HOH A O   1 
HETATM 713 O O   . HOH B 2 .  ? 4.434   7.285   -11.618 1.00 24.04 ? 425 HOH A O   1 
HETATM 714 O O   . HOH B 2 .  ? -13.837 1.163   -2.793  1.00 40.06 ? 426 HOH A O   1 
HETATM 715 O O   . HOH B 2 .  ? 11.445  7.147   -5.621  1.00 42.25 ? 427 HOH A O   1 
HETATM 716 O O   . HOH B 2 .  ? -7.151  16.809  -2.735  1.00 26.27 ? 428 HOH A O   1 
HETATM 717 O O   . HOH B 2 .  ? -8.718  12.724  3.981   1.00 46.31 ? 429 HOH A O   1 
HETATM 718 O O   . HOH B 2 .  ? -7.417  7.371   9.455   1.00 36.62 ? 430 HOH A O   1 
HETATM 719 O O   . HOH B 2 .  ? 4.040   13.519  -6.072  1.00 43.56 ? 431 HOH A O   1 
HETATM 720 O O   . HOH B 2 .  ? -6.501  16.378  -5.101  1.00 35.30 ? 432 HOH A O   1 
HETATM 721 O O   . HOH B 2 .  ? 5.242   16.096  0.807   1.00 28.78 ? 433 HOH A O   1 
HETATM 722 O O   . HOH B 2 .  ? 11.240  -9.271  2.332   1.00 47.33 ? 434 HOH A O   1 
HETATM 723 O O   . HOH B 2 .  ? -5.110  -2.756  10.767  1.00 39.24 ? 435 HOH A O   1 
HETATM 724 O O   . HOH B 2 .  ? -9.731  -16.663 -0.189  1.00 56.70 ? 436 HOH A O   1 
HETATM 725 O O   . HOH B 2 .  ? 4.881   -7.959  -9.775  1.00 38.14 ? 437 HOH A O   1 
HETATM 726 O O   . HOH B 2 .  ? -11.807 8.454   -3.944  1.00 25.39 ? 438 HOH A O   1 
HETATM 727 O O   . HOH B 2 .  ? 6.256   -5.838  8.137   1.00 40.71 ? 439 HOH A O   1 
HETATM 728 O O   . HOH B 2 .  ? -6.142  13.863  10.542  1.00 39.89 ? 440 HOH A O   1 
HETATM 729 O O   . HOH B 2 .  ? 5.614   13.892  -9.983  1.00 42.17 ? 441 HOH A O   1 
HETATM 730 O O   . HOH B 2 .  ? 2.339   14.516  10.469  1.00 39.13 ? 442 HOH A O   1 
HETATM 731 O O   . HOH B 2 .  ? -11.474 2.118   -9.788  1.00 46.02 ? 443 HOH A O   1 
HETATM 732 O O   . HOH B 2 .  ? -2.740  -19.971 2.043   1.00 38.45 ? 444 HOH A O   1 
HETATM 733 O O   . HOH B 2 .  ? 2.627   -15.613 0.072   1.00 22.21 ? 445 HOH A O   1 
HETATM 734 O O   . HOH B 2 .  ? 1.424   -14.341 -3.023  1.00 21.44 ? 446 HOH A O   1 
HETATM 735 O O   . HOH B 2 .  ? 3.324   1.901   10.294  1.00 30.38 ? 447 HOH A O   1 
HETATM 736 O O   . HOH B 2 .  ? -5.894  1.208   13.017  1.00 31.30 ? 448 HOH A O   1 
HETATM 737 O O   . HOH B 2 .  ? -5.140  -11.750 -3.748  1.00 30.70 ? 449 HOH A O   1 
HETATM 738 O O   . HOH B 2 .  ? -10.208 1.673   3.812   1.00 31.67 ? 450 HOH A O   1 
HETATM 739 O O   . HOH B 2 .  ? 9.731   7.115   -2.938  1.00 36.64 ? 451 HOH A O   1 
HETATM 740 O O   . HOH B 2 .  ? -1.739  -14.244 -4.254  1.00 34.60 ? 452 HOH A O   1 
HETATM 741 O O   . HOH B 2 .  ? 4.241   0.185   8.400   1.00 34.42 ? 453 HOH A O   1 
HETATM 742 O O   . HOH B 2 .  ? 3.985   -12.850 -7.980  1.00 47.86 ? 454 HOH A O   1 
HETATM 743 O O   . HOH B 2 .  ? -5.683  -12.989 -6.222  1.00 40.60 ? 455 HOH A O   1 
HETATM 744 O O   . HOH B 2 .  ? 3.834   7.804   12.070  1.00 39.83 ? 456 HOH A O   1 
HETATM 745 O O   . HOH B 2 .  ? 6.314   -0.896  8.810   1.00 35.88 ? 457 HOH A O   1 
HETATM 746 O O   . HOH B 2 .  ? 8.317   3.275   3.557   1.00 35.29 ? 458 HOH A O   1 
HETATM 747 O O   . HOH B 2 .  ? -7.144  4.675   -7.667  1.00 35.88 ? 459 HOH A O   1 
HETATM 748 O O   . HOH B 2 .  ? -8.335  -10.096 -1.931  1.00 37.84 ? 460 HOH A O   1 
HETATM 749 O O   . HOH B 2 .  ? -4.900  4.357   -8.736  1.00 33.85 ? 461 HOH A O   1 
HETATM 750 O O   . HOH B 2 .  ? -3.433  7.833   12.309  1.00 32.08 ? 462 HOH A O   1 
HETATM 751 O O   . HOH B 2 .  ? -3.054  8.677   14.675  1.00 45.58 ? 463 HOH A O   1 
HETATM 752 O O   . HOH B 2 .  ? 6.303   4.082   5.020   1.00 41.23 ? 464 HOH A O   1 
HETATM 753 O O   . HOH B 2 .  ? 5.068   -8.983  2.103   1.00 38.34 ? 465 HOH A O   1 
HETATM 754 O O   . HOH B 2 .  ? 14.311  -0.973  0.257   1.00 44.29 ? 466 HOH A O   1 
HETATM 755 O O   . HOH B 2 .  ? -7.593  -2.580  -4.659  1.00 26.33 ? 467 HOH A O   1 
HETATM 756 O O   . HOH B 2 .  ? 4.939   11.027  10.166  1.00 44.74 ? 468 HOH A O   1 
HETATM 757 O O   . HOH B 2 .  ? 5.205   2.433   12.483  1.00 37.34 ? 469 HOH A O   1 
HETATM 758 O O   . HOH B 2 .  ? 7.827   6.883   6.119   1.00 45.46 ? 470 HOH A O   1 
HETATM 759 O O   . HOH B 2 .  ? -3.536  -11.302 -8.277  1.00 39.03 ? 471 HOH A O   1 
HETATM 760 O O   . HOH B 2 .  ? -5.880  4.044   11.226  1.00 43.01 ? 472 HOH A O   1 
HETATM 761 O O   . HOH B 2 .  ? 11.919  7.228   5.607   1.00 41.70 ? 473 HOH A O   1 
HETATM 762 O O   . HOH B 2 .  ? 14.815  2.100   1.436   1.00 49.78 ? 474 HOH A O   1 
# 
loop_
_pdbx_poly_seq_scheme.asym_id 
_pdbx_poly_seq_scheme.entity_id 
_pdbx_poly_seq_scheme.seq_id 
_pdbx_poly_seq_scheme.mon_id 
_pdbx_poly_seq_scheme.ndb_seq_num 
_pdbx_poly_seq_scheme.pdb_seq_num 
_pdbx_poly_seq_scheme.auth_seq_num 
_pdbx_poly_seq_scheme.pdb_mon_id 
_pdbx_poly_seq_scheme.auth_mon_id 
_pdbx_poly_seq_scheme.pdb_strand_id 
_pdbx_poly_seq_scheme.pdb_ins_code 
_pdbx_poly_seq_scheme.hetero 
A 1 1  MET 1  289 ?   ?   ?   A . n 
A 1 2  GLU 2  290 ?   ?   ?   A . n 
A 1 3  LEU 3  291 ?   ?   ?   A . n 
A 1 4  SER 4  292 ?   ?   ?   A . n 
A 1 5  ALA 5  293 293 ALA ALA A . n 
A 1 6  SER 6  294 294 SER SER A . n 
A 1 7  ALA 7  295 295 ALA ALA A . n 
A 1 8  THR 8  296 296 THR THR A . n 
A 1 9  GLU 9  297 297 GLU GLU A . n 
A 1 10 LEU 10 298 298 LEU LEU A . n 
A 1 11 LEU 11 299 299 LEU LEU A . n 
A 1 12 GLN 12 300 300 GLN GLN A . n 
A 1 13 ASP 13 301 301 ASP ASP A . n 
A 1 14 TYR 14 302 302 TYR TYR A . n 
A 1 15 MET 15 303 303 MET MET A . n 
A 1 16 LEU 16 304 304 LEU LEU A . n 
A 1 17 THR 17 305 305 THR THR A . n 
A 1 18 LEU 18 306 306 LEU LEU A . n 
A 1 19 ARG 19 307 307 ARG ARG A . n 
A 1 20 THR 20 308 308 THR THR A . n 
A 1 21 LYS 21 309 309 LYS LYS A . n 
A 1 22 LEU 22 310 310 LEU LEU A . n 
A 1 23 SER 23 311 311 SER SER A . n 
A 1 24 SER 24 312 312 SER SER A . n 
A 1 25 GLN 25 313 313 GLN GLN A . n 
A 1 26 GLU 26 314 314 GLU GLU A . n 
A 1 27 ILE 27 315 315 ILE ILE A . n 
A 1 28 GLN 28 316 316 GLN GLN A . n 
A 1 29 GLN 29 317 317 GLN GLN A . n 
A 1 30 PHE 30 318 318 PHE PHE A . n 
A 1 31 ALA 31 319 319 ALA ALA A . n 
A 1 32 ALA 32 320 320 ALA ALA A . n 
A 1 33 LEU 33 321 321 LEU LEU A . n 
A 1 34 LEU 34 322 322 LEU LEU A . n 
A 1 35 HIS 35 323 323 HIS HIS A . n 
A 1 36 GLU 36 324 324 GLU GLU A . n 
A 1 37 TYR 37 325 325 TYR TYR A . n 
A 1 38 ARG 38 326 326 ARG ARG A . n 
A 1 39 ASN 39 327 327 ASN ASN A . n 
A 1 40 GLY 40 328 328 GLY GLY A . n 
A 1 41 ALA 41 329 329 ALA ALA A . n 
A 1 42 SER 42 330 330 SER SER A . n 
A 1 43 ILE 43 331 331 ILE ILE A . n 
A 1 44 HIS 44 332 332 HIS HIS A . n 
A 1 45 GLU 45 333 333 GLU GLU A . n 
A 1 46 PHE 46 334 334 PHE PHE A . n 
A 1 47 CYS 47 335 335 CYS CYS A . n 
A 1 48 ILE 48 336 336 ILE ILE A . n 
A 1 49 ASN 49 337 337 ASN ASN A . n 
A 1 50 LEU 50 338 338 LEU LEU A . n 
A 1 51 ARG 51 339 339 ARG ARG A . n 
A 1 52 GLN 52 340 340 GLN GLN A . n 
A 1 53 LEU 53 341 341 LEU LEU A . n 
A 1 54 TYR 54 342 342 TYR TYR A . n 
A 1 55 GLY 55 343 343 GLY GLY A . n 
A 1 56 ASP 56 344 344 ASP ASP A . n 
A 1 57 SER 57 345 345 SER SER A . n 
A 1 58 ARG 58 346 346 ARG ARG A . n 
A 1 59 LYS 59 347 347 LYS LYS A . n 
A 1 60 PHE 60 348 348 PHE PHE A . n 
A 1 61 LEU 61 349 349 LEU LEU A . n 
A 1 62 LEU 62 350 350 LEU LEU A . n 
A 1 63 LEU 63 351 351 LEU LEU A . n 
A 1 64 GLY 64 352 352 GLY GLY A . n 
A 1 65 LEU 65 353 353 LEU LEU A . n 
A 1 66 ARG 66 354 354 ARG ARG A . n 
A 1 67 PRO 67 355 355 PRO PRO A . n 
A 1 68 PHE 68 356 356 PHE PHE A . n 
A 1 69 ILE 69 357 357 ILE ILE A . n 
A 1 70 PRO 70 358 358 PRO PRO A . n 
A 1 71 GLU 71 359 359 GLU GLU A . n 
A 1 72 LYS 72 360 360 LYS LYS A . n 
A 1 73 ASP 73 361 361 ASP ASP A . n 
A 1 74 SER 74 362 362 SER SER A . n 
A 1 75 GLN 75 363 363 GLN GLN A . n 
A 1 76 HIS 76 364 364 HIS HIS A . n 
A 1 77 PHE 77 365 365 PHE PHE A . n 
A 1 78 GLU 78 366 366 GLU GLU A . n 
A 1 79 ASN 79 367 367 ASN ASN A . n 
A 1 80 PHE 80 368 368 PHE PHE A . n 
A 1 81 LEU 81 369 369 LEU LEU A . n 
A 1 82 GLU 82 370 370 GLU GLU A . n 
A 1 83 THR 83 371 371 THR THR A . n 
A 1 84 ILE 84 372 372 ILE ILE A . n 
A 1 85 GLY 85 373 373 GLY GLY A . n 
A 1 86 VAL 86 374 374 VAL VAL A . n 
A 1 87 LYS 87 375 375 LYS LYS A . n 
A 1 88 ASP 88 376 376 ASP ASP A . n 
A 1 89 LEU 89 377 ?   ?   ?   A . n 
A 1 90 GLU 90 378 ?   ?   ?   A . n 
A 1 91 HIS 91 379 ?   ?   ?   A . n 
A 1 92 HIS 92 380 ?   ?   ?   A . n 
A 1 93 HIS 93 381 ?   ?   ?   A . n 
A 1 94 HIS 94 382 ?   ?   ?   A . n 
A 1 95 HIS 95 383 ?   ?   ?   A . n 
A 1 96 HIS 96 384 ?   ?   ?   A . n 
# 
loop_
_pdbx_nonpoly_scheme.asym_id 
_pdbx_nonpoly_scheme.entity_id 
_pdbx_nonpoly_scheme.mon_id 
_pdbx_nonpoly_scheme.ndb_seq_num 
_pdbx_nonpoly_scheme.pdb_seq_num 
_pdbx_nonpoly_scheme.auth_seq_num 
_pdbx_nonpoly_scheme.pdb_mon_id 
_pdbx_nonpoly_scheme.auth_mon_id 
_pdbx_nonpoly_scheme.pdb_strand_id 
_pdbx_nonpoly_scheme.pdb_ins_code 
B 2 HOH 1  401 48  HOH HOH A . 
B 2 HOH 2  402 35  HOH HOH A . 
B 2 HOH 3  403 28  HOH HOH A . 
B 2 HOH 4  404 58  HOH HOH A . 
B 2 HOH 5  405 65  HOH HOH A . 
B 2 HOH 6  406 21  HOH HOH A . 
B 2 HOH 7  407 8   HOH HOH A . 
B 2 HOH 8  408 4   HOH HOH A . 
B 2 HOH 9  409 5   HOH HOH A . 
B 2 HOH 10 410 15  HOH HOH A . 
B 2 HOH 11 411 54  HOH HOH A . 
B 2 HOH 12 412 76  HOH HOH A . 
B 2 HOH 13 413 1   HOH HOH A . 
B 2 HOH 14 414 2   HOH HOH A . 
B 2 HOH 15 415 96  HOH HOH A . 
B 2 HOH 16 416 17  HOH HOH A . 
B 2 HOH 17 417 19  HOH HOH A . 
B 2 HOH 18 418 42  HOH HOH A . 
B 2 HOH 19 419 37  HOH HOH A . 
B 2 HOH 20 420 14  HOH HOH A . 
B 2 HOH 21 421 16  HOH HOH A . 
B 2 HOH 22 422 55  HOH HOH A . 
B 2 HOH 23 423 12  HOH HOH A . 
B 2 HOH 24 424 22  HOH HOH A . 
B 2 HOH 25 425 7   HOH HOH A . 
B 2 HOH 26 426 102 HOH HOH A . 
B 2 HOH 27 427 34  HOH HOH A . 
B 2 HOH 28 428 18  HOH HOH A . 
B 2 HOH 29 429 43  HOH HOH A . 
B 2 HOH 30 430 31  HOH HOH A . 
B 2 HOH 31 431 90  HOH HOH A . 
B 2 HOH 32 432 30  HOH HOH A . 
B 2 HOH 33 433 56  HOH HOH A . 
B 2 HOH 34 434 110 HOH HOH A . 
B 2 HOH 35 435 38  HOH HOH A . 
B 2 HOH 36 436 68  HOH HOH A . 
B 2 HOH 37 437 26  HOH HOH A . 
B 2 HOH 38 438 6   HOH HOH A . 
B 2 HOH 39 439 60  HOH HOH A . 
B 2 HOH 40 440 59  HOH HOH A . 
B 2 HOH 41 441 36  HOH HOH A . 
B 2 HOH 42 442 45  HOH HOH A . 
B 2 HOH 43 443 81  HOH HOH A . 
B 2 HOH 44 444 23  HOH HOH A . 
B 2 HOH 45 445 3   HOH HOH A . 
B 2 HOH 46 446 9   HOH HOH A . 
B 2 HOH 47 447 10  HOH HOH A . 
B 2 HOH 48 448 11  HOH HOH A . 
B 2 HOH 49 449 13  HOH HOH A . 
B 2 HOH 50 450 24  HOH HOH A . 
B 2 HOH 51 451 25  HOH HOH A . 
B 2 HOH 52 452 27  HOH HOH A . 
B 2 HOH 53 453 29  HOH HOH A . 
B 2 HOH 54 454 40  HOH HOH A . 
B 2 HOH 55 455 44  HOH HOH A . 
B 2 HOH 56 456 50  HOH HOH A . 
B 2 HOH 57 457 51  HOH HOH A . 
B 2 HOH 58 458 53  HOH HOH A . 
B 2 HOH 59 459 57  HOH HOH A . 
B 2 HOH 60 460 61  HOH HOH A . 
B 2 HOH 61 461 62  HOH HOH A . 
B 2 HOH 62 462 71  HOH HOH A . 
B 2 HOH 63 463 72  HOH HOH A . 
B 2 HOH 64 464 74  HOH HOH A . 
B 2 HOH 65 465 75  HOH HOH A . 
B 2 HOH 66 466 77  HOH HOH A . 
B 2 HOH 67 467 80  HOH HOH A . 
B 2 HOH 68 468 87  HOH HOH A . 
B 2 HOH 69 469 88  HOH HOH A . 
B 2 HOH 70 470 93  HOH HOH A . 
B 2 HOH 71 471 94  HOH HOH A . 
B 2 HOH 72 472 95  HOH HOH A . 
B 2 HOH 73 473 97  HOH HOH A . 
B 2 HOH 74 474 103 HOH HOH A . 
# 
_pdbx_struct_assembly.id                   1 
_pdbx_struct_assembly.details              author_defined_assembly 
_pdbx_struct_assembly.method_details       ? 
_pdbx_struct_assembly.oligomeric_details   monomeric 
_pdbx_struct_assembly.oligomeric_count     1 
# 
_pdbx_struct_assembly_gen.assembly_id       1 
_pdbx_struct_assembly_gen.oper_expression   1 
_pdbx_struct_assembly_gen.asym_id_list      A,B 
# 
loop_
_pdbx_struct_assembly_prop.biol_id 
_pdbx_struct_assembly_prop.type 
_pdbx_struct_assembly_prop.value 
_pdbx_struct_assembly_prop.details 
1 'ABSA (A^2)' 0    ? 
1 MORE         0    ? 
1 'SSA (A^2)'  5240 ? 
# 
_pdbx_struct_oper_list.id                   1 
_pdbx_struct_oper_list.type                 'identity operation' 
_pdbx_struct_oper_list.name                 1_555 
_pdbx_struct_oper_list.symmetry_operation   x,y,z 
_pdbx_struct_oper_list.matrix[1][1]         1.0000000000 
_pdbx_struct_oper_list.matrix[1][2]         0.0000000000 
_pdbx_struct_oper_list.matrix[1][3]         0.0000000000 
_pdbx_struct_oper_list.vector[1]            0.0000000000 
_pdbx_struct_oper_list.matrix[2][1]         0.0000000000 
_pdbx_struct_oper_list.matrix[2][2]         1.0000000000 
_pdbx_struct_oper_list.matrix[2][3]         0.0000000000 
_pdbx_struct_oper_list.vector[2]            0.0000000000 
_pdbx_struct_oper_list.matrix[3][1]         0.0000000000 
_pdbx_struct_oper_list.matrix[3][2]         0.0000000000 
_pdbx_struct_oper_list.matrix[3][3]         1.0000000000 
_pdbx_struct_oper_list.vector[3]            0.0000000000 
# 
loop_
_pdbx_audit_revision_history.ordinal 
_pdbx_audit_revision_history.data_content_type 
_pdbx_audit_revision_history.major_revision 
_pdbx_audit_revision_history.minor_revision 
_pdbx_audit_revision_history.revision_date 
1 'Structure model' 1 0 2015-06-03 
2 'Structure model' 1 1 2015-06-17 
3 'Structure model' 1 2 2023-11-08 
# 
_pdbx_audit_revision_details.ordinal             1 
_pdbx_audit_revision_details.revision_ordinal    1 
_pdbx_audit_revision_details.data_content_type   'Structure model' 
_pdbx_audit_revision_details.provider            repository 
_pdbx_audit_revision_details.type                'Initial release' 
_pdbx_audit_revision_details.description         ? 
_pdbx_audit_revision_details.details             ? 
# 
loop_
_pdbx_audit_revision_group.ordinal 
_pdbx_audit_revision_group.revision_ordinal 
_pdbx_audit_revision_group.data_content_type 
_pdbx_audit_revision_group.group 
1 2 'Structure model' 'Database references'    
2 3 'Structure model' 'Data collection'        
3 3 'Structure model' 'Database references'    
4 3 'Structure model' 'Derived calculations'   
5 3 'Structure model' 'Refinement description' 
6 3 'Structure model' 'Source and taxonomy'    
7 3 'Structure model' 'Structure summary'      
# 
loop_
_pdbx_audit_revision_category.ordinal 
_pdbx_audit_revision_category.revision_ordinal 
_pdbx_audit_revision_category.data_content_type 
_pdbx_audit_revision_category.category 
1  3 'Structure model' chem_comp_atom                
2  3 'Structure model' chem_comp_bond                
3  3 'Structure model' citation                      
4  3 'Structure model' database_2                    
5  3 'Structure model' entity_src_gen                
6  3 'Structure model' pdbx_initial_refinement_model 
7  3 'Structure model' pdbx_struct_assembly          
8  3 'Structure model' pdbx_struct_assembly_prop     
9  3 'Structure model' pdbx_struct_oper_list         
10 3 'Structure model' struct_keywords               
# 
loop_
_pdbx_audit_revision_item.ordinal 
_pdbx_audit_revision_item.revision_ordinal 
_pdbx_audit_revision_item.data_content_type 
_pdbx_audit_revision_item.item 
1 3 'Structure model' '_citation.journal_id_CSD'                  
2 3 'Structure model' '_database_2.pdbx_DOI'                      
3 3 'Structure model' '_database_2.pdbx_database_accession'       
4 3 'Structure model' '_entity_src_gen.pdbx_alt_source_flag'      
5 3 'Structure model' '_pdbx_struct_assembly.oligomeric_details'  
6 3 'Structure model' '_pdbx_struct_assembly_prop.type'           
7 3 'Structure model' '_pdbx_struct_assembly_prop.value'          
8 3 'Structure model' '_pdbx_struct_oper_list.symmetry_operation' 
9 3 'Structure model' '_struct_keywords.text'                     
# 
loop_
_software.citation_id 
_software.classification 
_software.compiler_name 
_software.compiler_version 
_software.contact_author 
_software.contact_author_email 
_software.date 
_software.description 
_software.dependencies 
_software.hardware 
_software.language 
_software.location 
_software.mods 
_software.name 
_software.os 
_software.os_version 
_software.type 
_software.version 
_software.pdbx_ordinal 
? refinement       ? ? ? ? ? ? ? ? ? ? ? PHENIX ? ? ? '(phenix.refine: 1.7.3_928)' 1 
? 'data reduction' ? ? ? ? ? ? ? ? ? ? ? MOSFLM ? ? ? .                            2 
? 'data scaling'   ? ? ? ? ? ? ? ? ? ? ? SCALA  ? ? ? .                            3 
? phasing          ? ? ? ? ? ? ? ? ? ? ? PHASER ? ? ? .                            4 
# 
_pdbx_validate_torsion.id              1 
_pdbx_validate_torsion.PDB_model_num   1 
_pdbx_validate_torsion.auth_comp_id    LYS 
_pdbx_validate_torsion.auth_asym_id    A 
_pdbx_validate_torsion.auth_seq_id     309 
_pdbx_validate_torsion.PDB_ins_code    ? 
_pdbx_validate_torsion.label_alt_id    ? 
_pdbx_validate_torsion.phi             -131.18 
_pdbx_validate_torsion.psi             -31.45 
# 
_pdbx_distant_solvent_atoms.id                                1 
_pdbx_distant_solvent_atoms.PDB_model_num                     1 
_pdbx_distant_solvent_atoms.auth_atom_id                      O 
_pdbx_distant_solvent_atoms.label_alt_id                      ? 
_pdbx_distant_solvent_atoms.auth_asym_id                      A 
_pdbx_distant_solvent_atoms.auth_comp_id                      HOH 
_pdbx_distant_solvent_atoms.auth_seq_id                       473 
_pdbx_distant_solvent_atoms.PDB_ins_code                      ? 
_pdbx_distant_solvent_atoms.neighbor_macromolecule_distance   7.36 
_pdbx_distant_solvent_atoms.neighbor_ligand_distance          . 
# 
loop_
_pdbx_unobs_or_zero_occ_residues.id 
_pdbx_unobs_or_zero_occ_residues.PDB_model_num 
_pdbx_unobs_or_zero_occ_residues.polymer_flag 
_pdbx_unobs_or_zero_occ_residues.occupancy_flag 
_pdbx_unobs_or_zero_occ_residues.auth_asym_id 
_pdbx_unobs_or_zero_occ_residues.auth_comp_id 
_pdbx_unobs_or_zero_occ_residues.auth_seq_id 
_pdbx_unobs_or_zero_occ_residues.PDB_ins_code 
_pdbx_unobs_or_zero_occ_residues.label_asym_id 
_pdbx_unobs_or_zero_occ_residues.label_comp_id 
_pdbx_unobs_or_zero_occ_residues.label_seq_id 
1  1 Y 1 A MET 289 ? A MET 1  
2  1 Y 1 A GLU 290 ? A GLU 2  
3  1 Y 1 A LEU 291 ? A LEU 3  
4  1 Y 1 A SER 292 ? A SER 4  
5  1 Y 1 A LEU 377 ? A LEU 89 
6  1 Y 1 A GLU 378 ? A GLU 90 
7  1 Y 1 A HIS 379 ? A HIS 91 
8  1 Y 1 A HIS 380 ? A HIS 92 
9  1 Y 1 A HIS 381 ? A HIS 93 
10 1 Y 1 A HIS 382 ? A HIS 94 
11 1 Y 1 A HIS 383 ? A HIS 95 
12 1 Y 1 A HIS 384 ? A HIS 96 
# 
loop_
_chem_comp_atom.comp_id 
_chem_comp_atom.atom_id 
_chem_comp_atom.type_symbol 
_chem_comp_atom.pdbx_aromatic_flag 
_chem_comp_atom.pdbx_stereo_config 
_chem_comp_atom.pdbx_ordinal 
ALA N    N N N 1   
ALA CA   C N S 2   
ALA C    C N N 3   
ALA O    O N N 4   
ALA CB   C N N 5   
ALA OXT  O N N 6   
ALA H    H N N 7   
ALA H2   H N N 8   
ALA HA   H N N 9   
ALA HB1  H N N 10  
ALA HB2  H N N 11  
ALA HB3  H N N 12  
ALA HXT  H N N 13  
ARG N    N N N 14  
ARG CA   C N S 15  
ARG C    C N N 16  
ARG O    O N N 17  
ARG CB   C N N 18  
ARG CG   C N N 19  
ARG CD   C N N 20  
ARG NE   N N N 21  
ARG CZ   C N N 22  
ARG NH1  N N N 23  
ARG NH2  N N N 24  
ARG OXT  O N N 25  
ARG H    H N N 26  
ARG H2   H N N 27  
ARG HA   H N N 28  
ARG HB2  H N N 29  
ARG HB3  H N N 30  
ARG HG2  H N N 31  
ARG HG3  H N N 32  
ARG HD2  H N N 33  
ARG HD3  H N N 34  
ARG HE   H N N 35  
ARG HH11 H N N 36  
ARG HH12 H N N 37  
ARG HH21 H N N 38  
ARG HH22 H N N 39  
ARG HXT  H N N 40  
ASN N    N N N 41  
ASN CA   C N S 42  
ASN C    C N N 43  
ASN O    O N N 44  
ASN CB   C N N 45  
ASN CG   C N N 46  
ASN OD1  O N N 47  
ASN ND2  N N N 48  
ASN OXT  O N N 49  
ASN H    H N N 50  
ASN H2   H N N 51  
ASN HA   H N N 52  
ASN HB2  H N N 53  
ASN HB3  H N N 54  
ASN HD21 H N N 55  
ASN HD22 H N N 56  
ASN HXT  H N N 57  
ASP N    N N N 58  
ASP CA   C N S 59  
ASP C    C N N 60  
ASP O    O N N 61  
ASP CB   C N N 62  
ASP CG   C N N 63  
ASP OD1  O N N 64  
ASP OD2  O N N 65  
ASP OXT  O N N 66  
ASP H    H N N 67  
ASP H2   H N N 68  
ASP HA   H N N 69  
ASP HB2  H N N 70  
ASP HB3  H N N 71  
ASP HD2  H N N 72  
ASP HXT  H N N 73  
CYS N    N N N 74  
CYS CA   C N R 75  
CYS C    C N N 76  
CYS O    O N N 77  
CYS CB   C N N 78  
CYS SG   S N N 79  
CYS OXT  O N N 80  
CYS H    H N N 81  
CYS H2   H N N 82  
CYS HA   H N N 83  
CYS HB2  H N N 84  
CYS HB3  H N N 85  
CYS HG   H N N 86  
CYS HXT  H N N 87  
GLN N    N N N 88  
GLN CA   C N S 89  
GLN C    C N N 90  
GLN O    O N N 91  
GLN CB   C N N 92  
GLN CG   C N N 93  
GLN CD   C N N 94  
GLN OE1  O N N 95  
GLN NE2  N N N 96  
GLN OXT  O N N 97  
GLN H    H N N 98  
GLN H2   H N N 99  
GLN HA   H N N 100 
GLN HB2  H N N 101 
GLN HB3  H N N 102 
GLN HG2  H N N 103 
GLN HG3  H N N 104 
GLN HE21 H N N 105 
GLN HE22 H N N 106 
GLN HXT  H N N 107 
GLU N    N N N 108 
GLU CA   C N S 109 
GLU C    C N N 110 
GLU O    O N N 111 
GLU CB   C N N 112 
GLU CG   C N N 113 
GLU CD   C N N 114 
GLU OE1  O N N 115 
GLU OE2  O N N 116 
GLU OXT  O N N 117 
GLU H    H N N 118 
GLU H2   H N N 119 
GLU HA   H N N 120 
GLU HB2  H N N 121 
GLU HB3  H N N 122 
GLU HG2  H N N 123 
GLU HG3  H N N 124 
GLU HE2  H N N 125 
GLU HXT  H N N 126 
GLY N    N N N 127 
GLY CA   C N N 128 
GLY C    C N N 129 
GLY O    O N N 130 
GLY OXT  O N N 131 
GLY H    H N N 132 
GLY H2   H N N 133 
GLY HA2  H N N 134 
GLY HA3  H N N 135 
GLY HXT  H N N 136 
HIS N    N N N 137 
HIS CA   C N S 138 
HIS C    C N N 139 
HIS O    O N N 140 
HIS CB   C N N 141 
HIS CG   C Y N 142 
HIS ND1  N Y N 143 
HIS CD2  C Y N 144 
HIS CE1  C Y N 145 
HIS NE2  N Y N 146 
HIS OXT  O N N 147 
HIS H    H N N 148 
HIS H2   H N N 149 
HIS HA   H N N 150 
HIS HB2  H N N 151 
HIS HB3  H N N 152 
HIS HD1  H N N 153 
HIS HD2  H N N 154 
HIS HE1  H N N 155 
HIS HE2  H N N 156 
HIS HXT  H N N 157 
HOH O    O N N 158 
HOH H1   H N N 159 
HOH H2   H N N 160 
ILE N    N N N 161 
ILE CA   C N S 162 
ILE C    C N N 163 
ILE O    O N N 164 
ILE CB   C N S 165 
ILE CG1  C N N 166 
ILE CG2  C N N 167 
ILE CD1  C N N 168 
ILE OXT  O N N 169 
ILE H    H N N 170 
ILE H2   H N N 171 
ILE HA   H N N 172 
ILE HB   H N N 173 
ILE HG12 H N N 174 
ILE HG13 H N N 175 
ILE HG21 H N N 176 
ILE HG22 H N N 177 
ILE HG23 H N N 178 
ILE HD11 H N N 179 
ILE HD12 H N N 180 
ILE HD13 H N N 181 
ILE HXT  H N N 182 
LEU N    N N N 183 
LEU CA   C N S 184 
LEU C    C N N 185 
LEU O    O N N 186 
LEU CB   C N N 187 
LEU CG   C N N 188 
LEU CD1  C N N 189 
LEU CD2  C N N 190 
LEU OXT  O N N 191 
LEU H    H N N 192 
LEU H2   H N N 193 
LEU HA   H N N 194 
LEU HB2  H N N 195 
LEU HB3  H N N 196 
LEU HG   H N N 197 
LEU HD11 H N N 198 
LEU HD12 H N N 199 
LEU HD13 H N N 200 
LEU HD21 H N N 201 
LEU HD22 H N N 202 
LEU HD23 H N N 203 
LEU HXT  H N N 204 
LYS N    N N N 205 
LYS CA   C N S 206 
LYS C    C N N 207 
LYS O    O N N 208 
LYS CB   C N N 209 
LYS CG   C N N 210 
LYS CD   C N N 211 
LYS CE   C N N 212 
LYS NZ   N N N 213 
LYS OXT  O N N 214 
LYS H    H N N 215 
LYS H2   H N N 216 
LYS HA   H N N 217 
LYS HB2  H N N 218 
LYS HB3  H N N 219 
LYS HG2  H N N 220 
LYS HG3  H N N 221 
LYS HD2  H N N 222 
LYS HD3  H N N 223 
LYS HE2  H N N 224 
LYS HE3  H N N 225 
LYS HZ1  H N N 226 
LYS HZ2  H N N 227 
LYS HZ3  H N N 228 
LYS HXT  H N N 229 
MET N    N N N 230 
MET CA   C N S 231 
MET C    C N N 232 
MET O    O N N 233 
MET CB   C N N 234 
MET CG   C N N 235 
MET SD   S N N 236 
MET CE   C N N 237 
MET OXT  O N N 238 
MET H    H N N 239 
MET H2   H N N 240 
MET HA   H N N 241 
MET HB2  H N N 242 
MET HB3  H N N 243 
MET HG2  H N N 244 
MET HG3  H N N 245 
MET HE1  H N N 246 
MET HE2  H N N 247 
MET HE3  H N N 248 
MET HXT  H N N 249 
PHE N    N N N 250 
PHE CA   C N S 251 
PHE C    C N N 252 
PHE O    O N N 253 
PHE CB   C N N 254 
PHE CG   C Y N 255 
PHE CD1  C Y N 256 
PHE CD2  C Y N 257 
PHE CE1  C Y N 258 
PHE CE2  C Y N 259 
PHE CZ   C Y N 260 
PHE OXT  O N N 261 
PHE H    H N N 262 
PHE H2   H N N 263 
PHE HA   H N N 264 
PHE HB2  H N N 265 
PHE HB3  H N N 266 
PHE HD1  H N N 267 
PHE HD2  H N N 268 
PHE HE1  H N N 269 
PHE HE2  H N N 270 
PHE HZ   H N N 271 
PHE HXT  H N N 272 
PRO N    N N N 273 
PRO CA   C N S 274 
PRO C    C N N 275 
PRO O    O N N 276 
PRO CB   C N N 277 
PRO CG   C N N 278 
PRO CD   C N N 279 
PRO OXT  O N N 280 
PRO H    H N N 281 
PRO HA   H N N 282 
PRO HB2  H N N 283 
PRO HB3  H N N 284 
PRO HG2  H N N 285 
PRO HG3  H N N 286 
PRO HD2  H N N 287 
PRO HD3  H N N 288 
PRO HXT  H N N 289 
SER N    N N N 290 
SER CA   C N S 291 
SER C    C N N 292 
SER O    O N N 293 
SER CB   C N N 294 
SER OG   O N N 295 
SER OXT  O N N 296 
SER H    H N N 297 
SER H2   H N N 298 
SER HA   H N N 299 
SER HB2  H N N 300 
SER HB3  H N N 301 
SER HG   H N N 302 
SER HXT  H N N 303 
THR N    N N N 304 
THR CA   C N S 305 
THR C    C N N 306 
THR O    O N N 307 
THR CB   C N R 308 
THR OG1  O N N 309 
THR CG2  C N N 310 
THR OXT  O N N 311 
THR H    H N N 312 
THR H2   H N N 313 
THR HA   H N N 314 
THR HB   H N N 315 
THR HG1  H N N 316 
THR HG21 H N N 317 
THR HG22 H N N 318 
THR HG23 H N N 319 
THR HXT  H N N 320 
TYR N    N N N 321 
TYR CA   C N S 322 
TYR C    C N N 323 
TYR O    O N N 324 
TYR CB   C N N 325 
TYR CG   C Y N 326 
TYR CD1  C Y N 327 
TYR CD2  C Y N 328 
TYR CE1  C Y N 329 
TYR CE2  C Y N 330 
TYR CZ   C Y N 331 
TYR OH   O N N 332 
TYR OXT  O N N 333 
TYR H    H N N 334 
TYR H2   H N N 335 
TYR HA   H N N 336 
TYR HB2  H N N 337 
TYR HB3  H N N 338 
TYR HD1  H N N 339 
TYR HD2  H N N 340 
TYR HE1  H N N 341 
TYR HE2  H N N 342 
TYR HH   H N N 343 
TYR HXT  H N N 344 
VAL N    N N N 345 
VAL CA   C N S 346 
VAL C    C N N 347 
VAL O    O N N 348 
VAL CB   C N N 349 
VAL CG1  C N N 350 
VAL CG2  C N N 351 
VAL OXT  O N N 352 
VAL H    H N N 353 
VAL H2   H N N 354 
VAL HA   H N N 355 
VAL HB   H N N 356 
VAL HG11 H N N 357 
VAL HG12 H N N 358 
VAL HG13 H N N 359 
VAL HG21 H N N 360 
VAL HG22 H N N 361 
VAL HG23 H N N 362 
VAL HXT  H N N 363 
# 
loop_
_chem_comp_bond.comp_id 
_chem_comp_bond.atom_id_1 
_chem_comp_bond.atom_id_2 
_chem_comp_bond.value_order 
_chem_comp_bond.pdbx_aromatic_flag 
_chem_comp_bond.pdbx_stereo_config 
_chem_comp_bond.pdbx_ordinal 
ALA N   CA   sing N N 1   
ALA N   H    sing N N 2   
ALA N   H2   sing N N 3   
ALA CA  C    sing N N 4   
ALA CA  CB   sing N N 5   
ALA CA  HA   sing N N 6   
ALA C   O    doub N N 7   
ALA C   OXT  sing N N 8   
ALA CB  HB1  sing N N 9   
ALA CB  HB2  sing N N 10  
ALA CB  HB3  sing N N 11  
ALA OXT HXT  sing N N 12  
ARG N   CA   sing N N 13  
ARG N   H    sing N N 14  
ARG N   H2   sing N N 15  
ARG CA  C    sing N N 16  
ARG CA  CB   sing N N 17  
ARG CA  HA   sing N N 18  
ARG C   O    doub N N 19  
ARG C   OXT  sing N N 20  
ARG CB  CG   sing N N 21  
ARG CB  HB2  sing N N 22  
ARG CB  HB3  sing N N 23  
ARG CG  CD   sing N N 24  
ARG CG  HG2  sing N N 25  
ARG CG  HG3  sing N N 26  
ARG CD  NE   sing N N 27  
ARG CD  HD2  sing N N 28  
ARG CD  HD3  sing N N 29  
ARG NE  CZ   sing N N 30  
ARG NE  HE   sing N N 31  
ARG CZ  NH1  sing N N 32  
ARG CZ  NH2  doub N N 33  
ARG NH1 HH11 sing N N 34  
ARG NH1 HH12 sing N N 35  
ARG NH2 HH21 sing N N 36  
ARG NH2 HH22 sing N N 37  
ARG OXT HXT  sing N N 38  
ASN N   CA   sing N N 39  
ASN N   H    sing N N 40  
ASN N   H2   sing N N 41  
ASN CA  C    sing N N 42  
ASN CA  CB   sing N N 43  
ASN CA  HA   sing N N 44  
ASN C   O    doub N N 45  
ASN C   OXT  sing N N 46  
ASN CB  CG   sing N N 47  
ASN CB  HB2  sing N N 48  
ASN CB  HB3  sing N N 49  
ASN CG  OD1  doub N N 50  
ASN CG  ND2  sing N N 51  
ASN ND2 HD21 sing N N 52  
ASN ND2 HD22 sing N N 53  
ASN OXT HXT  sing N N 54  
ASP N   CA   sing N N 55  
ASP N   H    sing N N 56  
ASP N   H2   sing N N 57  
ASP CA  C    sing N N 58  
ASP CA  CB   sing N N 59  
ASP CA  HA   sing N N 60  
ASP C   O    doub N N 61  
ASP C   OXT  sing N N 62  
ASP CB  CG   sing N N 63  
ASP CB  HB2  sing N N 64  
ASP CB  HB3  sing N N 65  
ASP CG  OD1  doub N N 66  
ASP CG  OD2  sing N N 67  
ASP OD2 HD2  sing N N 68  
ASP OXT HXT  sing N N 69  
CYS N   CA   sing N N 70  
CYS N   H    sing N N 71  
CYS N   H2   sing N N 72  
CYS CA  C    sing N N 73  
CYS CA  CB   sing N N 74  
CYS CA  HA   sing N N 75  
CYS C   O    doub N N 76  
CYS C   OXT  sing N N 77  
CYS CB  SG   sing N N 78  
CYS CB  HB2  sing N N 79  
CYS CB  HB3  sing N N 80  
CYS SG  HG   sing N N 81  
CYS OXT HXT  sing N N 82  
GLN N   CA   sing N N 83  
GLN N   H    sing N N 84  
GLN N   H2   sing N N 85  
GLN CA  C    sing N N 86  
GLN CA  CB   sing N N 87  
GLN CA  HA   sing N N 88  
GLN C   O    doub N N 89  
GLN C   OXT  sing N N 90  
GLN CB  CG   sing N N 91  
GLN CB  HB2  sing N N 92  
GLN CB  HB3  sing N N 93  
GLN CG  CD   sing N N 94  
GLN CG  HG2  sing N N 95  
GLN CG  HG3  sing N N 96  
GLN CD  OE1  doub N N 97  
GLN CD  NE2  sing N N 98  
GLN NE2 HE21 sing N N 99  
GLN NE2 HE22 sing N N 100 
GLN OXT HXT  sing N N 101 
GLU N   CA   sing N N 102 
GLU N   H    sing N N 103 
GLU N   H2   sing N N 104 
GLU CA  C    sing N N 105 
GLU CA  CB   sing N N 106 
GLU CA  HA   sing N N 107 
GLU C   O    doub N N 108 
GLU C   OXT  sing N N 109 
GLU CB  CG   sing N N 110 
GLU CB  HB2  sing N N 111 
GLU CB  HB3  sing N N 112 
GLU CG  CD   sing N N 113 
GLU CG  HG2  sing N N 114 
GLU CG  HG3  sing N N 115 
GLU CD  OE1  doub N N 116 
GLU CD  OE2  sing N N 117 
GLU OE2 HE2  sing N N 118 
GLU OXT HXT  sing N N 119 
GLY N   CA   sing N N 120 
GLY N   H    sing N N 121 
GLY N   H2   sing N N 122 
GLY CA  C    sing N N 123 
GLY CA  HA2  sing N N 124 
GLY CA  HA3  sing N N 125 
GLY C   O    doub N N 126 
GLY C   OXT  sing N N 127 
GLY OXT HXT  sing N N 128 
HIS N   CA   sing N N 129 
HIS N   H    sing N N 130 
HIS N   H2   sing N N 131 
HIS CA  C    sing N N 132 
HIS CA  CB   sing N N 133 
HIS CA  HA   sing N N 134 
HIS C   O    doub N N 135 
HIS C   OXT  sing N N 136 
HIS CB  CG   sing N N 137 
HIS CB  HB2  sing N N 138 
HIS CB  HB3  sing N N 139 
HIS CG  ND1  sing Y N 140 
HIS CG  CD2  doub Y N 141 
HIS ND1 CE1  doub Y N 142 
HIS ND1 HD1  sing N N 143 
HIS CD2 NE2  sing Y N 144 
HIS CD2 HD2  sing N N 145 
HIS CE1 NE2  sing Y N 146 
HIS CE1 HE1  sing N N 147 
HIS NE2 HE2  sing N N 148 
HIS OXT HXT  sing N N 149 
HOH O   H1   sing N N 150 
HOH O   H2   sing N N 151 
ILE N   CA   sing N N 152 
ILE N   H    sing N N 153 
ILE N   H2   sing N N 154 
ILE CA  C    sing N N 155 
ILE CA  CB   sing N N 156 
ILE CA  HA   sing N N 157 
ILE C   O    doub N N 158 
ILE C   OXT  sing N N 159 
ILE CB  CG1  sing N N 160 
ILE CB  CG2  sing N N 161 
ILE CB  HB   sing N N 162 
ILE CG1 CD1  sing N N 163 
ILE CG1 HG12 sing N N 164 
ILE CG1 HG13 sing N N 165 
ILE CG2 HG21 sing N N 166 
ILE CG2 HG22 sing N N 167 
ILE CG2 HG23 sing N N 168 
ILE CD1 HD11 sing N N 169 
ILE CD1 HD12 sing N N 170 
ILE CD1 HD13 sing N N 171 
ILE OXT HXT  sing N N 172 
LEU N   CA   sing N N 173 
LEU N   H    sing N N 174 
LEU N   H2   sing N N 175 
LEU CA  C    sing N N 176 
LEU CA  CB   sing N N 177 
LEU CA  HA   sing N N 178 
LEU C   O    doub N N 179 
LEU C   OXT  sing N N 180 
LEU CB  CG   sing N N 181 
LEU CB  HB2  sing N N 182 
LEU CB  HB3  sing N N 183 
LEU CG  CD1  sing N N 184 
LEU CG  CD2  sing N N 185 
LEU CG  HG   sing N N 186 
LEU CD1 HD11 sing N N 187 
LEU CD1 HD12 sing N N 188 
LEU CD1 HD13 sing N N 189 
LEU CD2 HD21 sing N N 190 
LEU CD2 HD22 sing N N 191 
LEU CD2 HD23 sing N N 192 
LEU OXT HXT  sing N N 193 
LYS N   CA   sing N N 194 
LYS N   H    sing N N 195 
LYS N   H2   sing N N 196 
LYS CA  C    sing N N 197 
LYS CA  CB   sing N N 198 
LYS CA  HA   sing N N 199 
LYS C   O    doub N N 200 
LYS C   OXT  sing N N 201 
LYS CB  CG   sing N N 202 
LYS CB  HB2  sing N N 203 
LYS CB  HB3  sing N N 204 
LYS CG  CD   sing N N 205 
LYS CG  HG2  sing N N 206 
LYS CG  HG3  sing N N 207 
LYS CD  CE   sing N N 208 
LYS CD  HD2  sing N N 209 
LYS CD  HD3  sing N N 210 
LYS CE  NZ   sing N N 211 
LYS CE  HE2  sing N N 212 
LYS CE  HE3  sing N N 213 
LYS NZ  HZ1  sing N N 214 
LYS NZ  HZ2  sing N N 215 
LYS NZ  HZ3  sing N N 216 
LYS OXT HXT  sing N N 217 
MET N   CA   sing N N 218 
MET N   H    sing N N 219 
MET N   H2   sing N N 220 
MET CA  C    sing N N 221 
MET CA  CB   sing N N 222 
MET CA  HA   sing N N 223 
MET C   O    doub N N 224 
MET C   OXT  sing N N 225 
MET CB  CG   sing N N 226 
MET CB  HB2  sing N N 227 
MET CB  HB3  sing N N 228 
MET CG  SD   sing N N 229 
MET CG  HG2  sing N N 230 
MET CG  HG3  sing N N 231 
MET SD  CE   sing N N 232 
MET CE  HE1  sing N N 233 
MET CE  HE2  sing N N 234 
MET CE  HE3  sing N N 235 
MET OXT HXT  sing N N 236 
PHE N   CA   sing N N 237 
PHE N   H    sing N N 238 
PHE N   H2   sing N N 239 
PHE CA  C    sing N N 240 
PHE CA  CB   sing N N 241 
PHE CA  HA   sing N N 242 
PHE C   O    doub N N 243 
PHE C   OXT  sing N N 244 
PHE CB  CG   sing N N 245 
PHE CB  HB2  sing N N 246 
PHE CB  HB3  sing N N 247 
PHE CG  CD1  doub Y N 248 
PHE CG  CD2  sing Y N 249 
PHE CD1 CE1  sing Y N 250 
PHE CD1 HD1  sing N N 251 
PHE CD2 CE2  doub Y N 252 
PHE CD2 HD2  sing N N 253 
PHE CE1 CZ   doub Y N 254 
PHE CE1 HE1  sing N N 255 
PHE CE2 CZ   sing Y N 256 
PHE CE2 HE2  sing N N 257 
PHE CZ  HZ   sing N N 258 
PHE OXT HXT  sing N N 259 
PRO N   CA   sing N N 260 
PRO N   CD   sing N N 261 
PRO N   H    sing N N 262 
PRO CA  C    sing N N 263 
PRO CA  CB   sing N N 264 
PRO CA  HA   sing N N 265 
PRO C   O    doub N N 266 
PRO C   OXT  sing N N 267 
PRO CB  CG   sing N N 268 
PRO CB  HB2  sing N N 269 
PRO CB  HB3  sing N N 270 
PRO CG  CD   sing N N 271 
PRO CG  HG2  sing N N 272 
PRO CG  HG3  sing N N 273 
PRO CD  HD2  sing N N 274 
PRO CD  HD3  sing N N 275 
PRO OXT HXT  sing N N 276 
SER N   CA   sing N N 277 
SER N   H    sing N N 278 
SER N   H2   sing N N 279 
SER CA  C    sing N N 280 
SER CA  CB   sing N N 281 
SER CA  HA   sing N N 282 
SER C   O    doub N N 283 
SER C   OXT  sing N N 284 
SER CB  OG   sing N N 285 
SER CB  HB2  sing N N 286 
SER CB  HB3  sing N N 287 
SER OG  HG   sing N N 288 
SER OXT HXT  sing N N 289 
THR N   CA   sing N N 290 
THR N   H    sing N N 291 
THR N   H2   sing N N 292 
THR CA  C    sing N N 293 
THR CA  CB   sing N N 294 
THR CA  HA   sing N N 295 
THR C   O    doub N N 296 
THR C   OXT  sing N N 297 
THR CB  OG1  sing N N 298 
THR CB  CG2  sing N N 299 
THR CB  HB   sing N N 300 
THR OG1 HG1  sing N N 301 
THR CG2 HG21 sing N N 302 
THR CG2 HG22 sing N N 303 
THR CG2 HG23 sing N N 304 
THR OXT HXT  sing N N 305 
TYR N   CA   sing N N 306 
TYR N   H    sing N N 307 
TYR N   H2   sing N N 308 
TYR CA  C    sing N N 309 
TYR CA  CB   sing N N 310 
TYR CA  HA   sing N N 311 
TYR C   O    doub N N 312 
TYR C   OXT  sing N N 313 
TYR CB  CG   sing N N 314 
TYR CB  HB2  sing N N 315 
TYR CB  HB3  sing N N 316 
TYR CG  CD1  doub Y N 317 
TYR CG  CD2  sing Y N 318 
TYR CD1 CE1  sing Y N 319 
TYR CD1 HD1  sing N N 320 
TYR CD2 CE2  doub Y N 321 
TYR CD2 HD2  sing N N 322 
TYR CE1 CZ   doub Y N 323 
TYR CE1 HE1  sing N N 324 
TYR CE2 CZ   sing Y N 325 
TYR CE2 HE2  sing N N 326 
TYR CZ  OH   sing N N 327 
TYR OH  HH   sing N N 328 
TYR OXT HXT  sing N N 329 
VAL N   CA   sing N N 330 
VAL N   H    sing N N 331 
VAL N   H2   sing N N 332 
VAL CA  C    sing N N 333 
VAL CA  CB   sing N N 334 
VAL CA  HA   sing N N 335 
VAL C   O    doub N N 336 
VAL C   OXT  sing N N 337 
VAL CB  CG1  sing N N 338 
VAL CB  CG2  sing N N 339 
VAL CB  HB   sing N N 340 
VAL CG1 HG11 sing N N 341 
VAL CG1 HG12 sing N N 342 
VAL CG1 HG13 sing N N 343 
VAL CG2 HG21 sing N N 344 
VAL CG2 HG22 sing N N 345 
VAL CG2 HG23 sing N N 346 
VAL OXT HXT  sing N N 347 
# 
loop_
_pdbx_audit_support.funding_organization 
_pdbx_audit_support.country 
_pdbx_audit_support.grant_number 
_pdbx_audit_support.ordinal 
'Chinese Ministry of Science and Technology 973 program'                 China 2011CB910304 1 
'Strategic Priority Research Program of the Chinese Academy of Sciences' China XDB08020200  2 
# 
_pdbx_entity_nonpoly.entity_id   2 
_pdbx_entity_nonpoly.name        water 
_pdbx_entity_nonpoly.comp_id     HOH 
# 
_pdbx_initial_refinement_model.id               1 
_pdbx_initial_refinement_model.entity_id_list   ? 
_pdbx_initial_refinement_model.type             'experimental model' 
_pdbx_initial_refinement_model.source_name      PDB 
_pdbx_initial_refinement_model.accession_code   4YKC 
_pdbx_initial_refinement_model.details          ? 
# 
